data_7ULQ
#
_entry.id   7ULQ
#
_cell.length_a   65.509
_cell.length_b   65.509
_cell.length_c   164.752
_cell.angle_alpha   90.000
_cell.angle_beta   90.000
_cell.angle_gamma   120.000
#
_symmetry.space_group_name_H-M   'P 32'
#
loop_
_entity.id
_entity.type
_entity.pdbx_description
1 polymer 'Long neurotoxin OH-55'
2 non-polymer 'SULFATE ION'
3 non-polymer 'ACETATE ION'
4 non-polymer GLYCEROL
5 water water
#
_entity_poly.entity_id   1
_entity_poly.type   'polypeptide(L)'
_entity_poly.pdbx_seq_one_letter_code
;MTKCYVTPDVKSETCPAGQDICYTETWCDAWCTSRGKRVNLGCAATCPIVKPGVEIKCCSTDNCNPFPTRKRP
;
_entity_poly.pdbx_strand_id   E,A,C,B,F,H,D,I,J,G,K,L
#
# COMPACT_ATOMS: atom_id res chain seq x y z
N THR A 2 -13.57 10.66 -56.34
CA THR A 2 -12.99 11.38 -55.22
C THR A 2 -12.20 10.40 -54.36
N LYS A 3 -11.04 10.83 -53.87
CA LYS A 3 -10.16 9.97 -53.09
C LYS A 3 -9.73 10.70 -51.84
N CYS A 4 -9.73 9.98 -50.71
CA CYS A 4 -9.35 10.54 -49.42
C CYS A 4 -8.43 9.59 -48.68
N TYR A 5 -7.64 10.13 -47.76
CA TYR A 5 -6.91 9.27 -46.85
C TYR A 5 -7.88 8.63 -45.86
N VAL A 6 -7.58 7.38 -45.51
CA VAL A 6 -8.45 6.56 -44.65
C VAL A 6 -7.62 5.91 -43.56
N THR A 7 -8.05 6.06 -42.30
CA THR A 7 -7.45 5.37 -41.16
C THR A 7 -8.03 3.97 -41.07
N PRO A 8 -7.31 3.03 -40.42
CA PRO A 8 -6.07 3.22 -39.68
C PRO A 8 -4.76 3.01 -40.43
N ASP A 9 -4.82 2.63 -41.70
CA ASP A 9 -3.60 2.39 -42.47
C ASP A 9 -3.04 3.66 -43.09
N VAL A 10 -3.83 4.73 -43.15
CA VAL A 10 -3.43 6.01 -43.73
C VAL A 10 -2.94 5.79 -45.16
N LYS A 11 -3.85 5.32 -46.01
CA LYS A 11 -3.63 5.27 -47.45
C LYS A 11 -4.77 6.02 -48.12
N SER A 12 -4.54 6.44 -49.36
CA SER A 12 -5.57 7.06 -50.17
C SER A 12 -6.48 6.01 -50.77
N GLU A 13 -7.79 6.23 -50.66
CA GLU A 13 -8.77 5.26 -51.15
C GLU A 13 -9.86 5.97 -51.93
N THR A 14 -10.35 5.32 -52.97
CA THR A 14 -11.52 5.80 -53.68
C THR A 14 -12.72 5.78 -52.75
N CYS A 15 -13.43 6.90 -52.67
CA CYS A 15 -14.57 7.01 -51.77
C CYS A 15 -15.78 6.26 -52.35
N PRO A 16 -16.66 5.75 -51.48
CA PRO A 16 -17.93 5.22 -51.97
C PRO A 16 -18.76 6.30 -52.66
N ALA A 17 -19.69 5.85 -53.49
CA ALA A 17 -20.53 6.76 -54.26
C ALA A 17 -21.22 7.77 -53.36
N GLY A 18 -21.36 9.00 -53.87
CA GLY A 18 -21.96 10.10 -53.14
C GLY A 18 -21.26 10.54 -51.88
N GLN A 19 -20.04 10.07 -51.62
CA GLN A 19 -19.28 10.53 -50.46
C GLN A 19 -18.09 11.33 -51.01
N ASP A 20 -18.27 12.63 -51.17
CA ASP A 20 -17.28 13.47 -51.83
C ASP A 20 -16.53 14.41 -50.90
N ILE A 21 -16.72 14.30 -49.59
CA ILE A 21 -16.02 15.13 -48.61
C ILE A 21 -14.99 14.26 -47.90
N CYS A 22 -13.74 14.74 -47.86
CA CYS A 22 -12.70 14.16 -47.02
C CYS A 22 -12.68 14.90 -45.68
N TYR A 23 -12.50 14.15 -44.61
CA TYR A 23 -12.51 14.75 -43.29
C TYR A 23 -11.35 14.21 -42.47
N THR A 24 -10.94 15.02 -41.51
CA THR A 24 -10.00 14.67 -40.46
C THR A 24 -10.70 14.92 -39.14
N GLU A 25 -10.80 13.89 -38.32
CA GLU A 25 -11.49 14.01 -37.06
C GLU A 25 -10.54 13.65 -35.94
N THR A 26 -10.31 14.59 -35.01
CA THR A 26 -9.35 14.41 -33.92
C THR A 26 -10.11 14.53 -32.61
N TRP A 27 -10.00 13.50 -31.77
CA TRP A 27 -10.56 13.53 -30.43
C TRP A 27 -9.44 13.82 -29.44
N CYS A 28 -9.67 14.80 -28.58
CA CYS A 28 -8.89 15.03 -27.37
C CYS A 28 -9.94 15.20 -26.28
N ASP A 29 -10.63 14.11 -25.99
CA ASP A 29 -11.72 14.06 -25.02
C ASP A 29 -11.17 13.60 -23.66
N ALA A 30 -12.04 13.07 -22.80
CA ALA A 30 -11.66 12.75 -21.43
C ALA A 30 -10.52 11.74 -21.33
N TRP A 31 -10.25 10.96 -22.37
CA TRP A 31 -9.14 10.03 -22.28
C TRP A 31 -7.83 10.62 -22.80
N CYS A 32 -7.87 11.84 -23.34
CA CYS A 32 -6.70 12.40 -24.03
C CYS A 32 -5.47 12.44 -23.16
N THR A 33 -5.59 12.84 -21.90
CA THR A 33 -4.39 13.03 -21.12
C THR A 33 -3.76 11.71 -20.69
N SER A 34 -4.49 10.59 -20.79
CA SER A 34 -3.92 9.30 -20.42
C SER A 34 -3.67 8.39 -21.61
N ARG A 35 -4.51 8.45 -22.65
CA ARG A 35 -4.34 7.61 -23.83
C ARG A 35 -3.89 8.37 -25.07
N GLY A 36 -3.86 9.70 -25.02
CA GLY A 36 -3.47 10.50 -26.17
C GLY A 36 -4.62 10.83 -27.09
N LYS A 37 -4.28 11.59 -28.13
CA LYS A 37 -5.22 11.94 -29.17
C LYS A 37 -5.60 10.71 -30.00
N ARG A 38 -6.77 10.78 -30.63
CA ARG A 38 -7.25 9.76 -31.56
C ARG A 38 -7.65 10.48 -32.84
N VAL A 39 -7.37 9.87 -33.99
CA VAL A 39 -7.54 10.48 -35.31
C VAL A 39 -8.29 9.51 -36.21
N ASN A 40 -9.37 9.98 -36.84
CA ASN A 40 -10.04 9.30 -37.94
C ASN A 40 -9.88 10.13 -39.20
N LEU A 41 -9.55 9.45 -40.30
CA LEU A 41 -9.54 10.03 -41.64
C LEU A 41 -10.50 9.23 -42.50
N GLY A 42 -11.29 9.90 -43.32
CA GLY A 42 -12.17 9.12 -44.20
C GLY A 42 -12.94 9.98 -45.20
N CYS A 43 -13.83 9.31 -45.91
CA CYS A 43 -14.81 9.89 -46.82
C CYS A 43 -16.15 10.04 -46.11
N ALA A 44 -16.97 11.00 -46.56
CA ALA A 44 -18.32 11.15 -46.02
C ALA A 44 -19.16 11.97 -46.99
N ALA A 45 -20.48 11.78 -46.92
CA ALA A 45 -21.37 12.58 -47.77
C ALA A 45 -21.53 14.00 -47.24
N THR A 46 -21.57 14.16 -45.92
CA THR A 46 -21.64 15.46 -45.28
C THR A 46 -20.55 15.52 -44.21
N CYS A 47 -20.04 16.73 -43.96
CA CYS A 47 -19.06 16.91 -42.91
C CYS A 47 -19.59 16.35 -41.59
N PRO A 48 -18.86 15.44 -40.93
CA PRO A 48 -19.38 14.85 -39.69
C PRO A 48 -19.73 15.93 -38.67
N ILE A 49 -20.93 15.81 -38.10
CA ILE A 49 -21.31 16.61 -36.95
C ILE A 49 -20.69 15.98 -35.71
N VAL A 50 -19.98 16.79 -34.92
CA VAL A 50 -19.30 16.23 -33.75
C VAL A 50 -19.52 17.11 -32.51
N LYS A 51 -19.15 16.52 -31.35
CA LYS A 51 -19.38 16.97 -29.99
C LYS A 51 -18.20 17.78 -29.48
N PRO A 52 -18.41 18.58 -28.43
CA PRO A 52 -17.29 19.27 -27.78
C PRO A 52 -16.18 18.29 -27.41
N GLY A 53 -14.94 18.72 -27.63
CA GLY A 53 -13.77 17.90 -27.42
C GLY A 53 -13.27 17.20 -28.66
N VAL A 54 -13.97 17.35 -29.77
CA VAL A 54 -13.58 16.77 -31.04
C VAL A 54 -13.26 17.93 -31.98
N GLU A 55 -12.24 17.77 -32.81
CA GLU A 55 -11.95 18.77 -33.84
C GLU A 55 -12.22 18.12 -35.19
N ILE A 56 -12.94 18.83 -36.06
CA ILE A 56 -13.28 18.29 -37.37
C ILE A 56 -12.84 19.28 -38.45
N LYS A 57 -12.18 18.75 -39.48
CA LYS A 57 -11.78 19.47 -40.70
C LYS A 57 -12.33 18.73 -41.90
N CYS A 58 -12.99 19.47 -42.80
CA CYS A 58 -13.62 18.91 -43.99
C CYS A 58 -13.17 19.70 -45.20
N CYS A 59 -12.98 18.99 -46.31
CA CYS A 59 -12.59 19.57 -47.58
C CYS A 59 -13.08 18.64 -48.68
N SER A 60 -13.09 19.13 -49.90
CA SER A 60 -13.75 18.37 -50.96
C SER A 60 -12.85 18.17 -52.16
N THR A 61 -11.53 18.13 -51.97
CA THR A 61 -10.61 17.82 -53.05
C THR A 61 -9.87 16.53 -52.73
N ASP A 62 -9.32 15.91 -53.77
CA ASP A 62 -8.68 14.61 -53.61
C ASP A 62 -7.53 14.66 -52.61
N ASN A 63 -7.54 13.71 -51.67
CA ASN A 63 -6.44 13.50 -50.72
C ASN A 63 -6.14 14.76 -49.90
N CYS A 64 -7.17 15.56 -49.61
CA CYS A 64 -6.96 16.80 -48.87
C CYS A 64 -6.98 16.62 -47.36
N ASN A 65 -7.03 15.37 -46.87
CA ASN A 65 -7.06 15.08 -45.44
C ASN A 65 -5.87 14.21 -45.01
N PRO A 66 -4.64 14.68 -45.19
CA PRO A 66 -3.49 13.87 -44.78
C PRO A 66 -3.43 13.74 -43.27
N PHE A 67 -2.68 12.76 -42.80
CA PHE A 67 -2.57 12.55 -41.37
C PHE A 67 -1.92 13.78 -40.75
N PRO A 68 -2.53 14.37 -39.71
CA PRO A 68 -1.97 15.62 -39.18
C PRO A 68 -0.57 15.42 -38.64
N THR A 69 0.26 16.44 -38.83
CA THR A 69 1.55 16.48 -38.19
C THR A 69 1.35 16.65 -36.68
N ARG A 70 2.22 16.04 -35.89
CA ARG A 70 2.02 16.00 -34.45
C ARG A 70 2.42 17.32 -33.80
N THR B 2 -7.75 29.12 -12.61
CA THR B 2 -6.55 28.29 -12.47
C THR B 2 -6.05 27.81 -13.82
N LYS B 3 -4.73 27.89 -14.02
CA LYS B 3 -4.08 27.47 -15.24
C LYS B 3 -3.05 26.40 -14.91
N CYS B 4 -3.02 25.35 -15.71
CA CYS B 4 -2.07 24.26 -15.58
C CYS B 4 -1.58 23.87 -16.96
N TYR B 5 -0.42 23.23 -17.00
CA TYR B 5 0.01 22.57 -18.22
C TYR B 5 -0.76 21.27 -18.40
N VAL B 6 -1.07 20.95 -19.65
CA VAL B 6 -1.88 19.78 -19.96
C VAL B 6 -1.19 19.01 -21.07
N THR B 7 -0.96 17.71 -20.84
CA THR B 7 -0.48 16.83 -21.91
C THR B 7 -1.69 16.37 -22.74
N PRO B 8 -1.48 16.02 -24.03
CA PRO B 8 -0.19 15.83 -24.69
C PRO B 8 0.46 17.06 -25.34
N ASP B 9 -0.30 18.07 -25.76
CA ASP B 9 0.32 19.22 -26.42
C ASP B 9 1.28 20.01 -25.54
N VAL B 10 1.19 19.85 -24.22
CA VAL B 10 2.02 20.54 -23.26
C VAL B 10 1.85 22.03 -23.51
N LYS B 11 0.67 22.55 -23.17
CA LYS B 11 0.40 23.97 -23.22
C LYS B 11 -0.36 24.35 -21.95
N SER B 12 -0.24 25.62 -21.58
CA SER B 12 -0.98 26.13 -20.44
C SER B 12 -2.44 26.33 -20.82
N GLU B 13 -3.34 25.84 -19.97
CA GLU B 13 -4.77 25.90 -20.22
C GLU B 13 -5.50 26.36 -18.97
N THR B 14 -6.57 27.11 -19.18
CA THR B 14 -7.49 27.41 -18.09
C THR B 14 -8.20 26.14 -17.67
N CYS B 15 -8.15 25.83 -16.39
CA CYS B 15 -8.76 24.58 -15.98
C CYS B 15 -10.27 24.75 -15.95
N PRO B 16 -11.02 23.68 -16.18
CA PRO B 16 -12.47 23.72 -15.98
C PRO B 16 -12.79 24.10 -14.54
N ALA B 17 -13.98 24.64 -14.34
CA ALA B 17 -14.36 25.07 -13.00
C ALA B 17 -14.20 23.93 -12.00
N GLY B 18 -14.05 24.28 -10.73
CA GLY B 18 -13.82 23.32 -9.66
C GLY B 18 -12.62 22.41 -9.77
N GLN B 19 -11.76 22.61 -10.77
CA GLN B 19 -10.52 21.87 -10.89
C GLN B 19 -9.36 22.84 -10.66
N ASP B 20 -8.89 22.93 -9.42
CA ASP B 20 -7.92 23.95 -9.03
C ASP B 20 -6.54 23.41 -8.72
N ILE B 21 -6.27 22.13 -8.99
CA ILE B 21 -4.99 21.48 -8.71
C ILE B 21 -4.31 21.21 -10.05
N CYS B 22 -3.04 21.59 -10.15
CA CYS B 22 -2.19 21.07 -11.23
C CYS B 22 -1.42 19.86 -10.72
N TYR B 23 -1.26 18.84 -11.59
CA TYR B 23 -0.55 17.62 -11.19
C TYR B 23 0.46 17.22 -12.25
N THR B 24 1.50 16.51 -11.79
CA THR B 24 2.50 15.83 -12.63
C THR B 24 2.53 14.36 -12.22
N GLU B 25 2.28 13.47 -13.18
CA GLU B 25 2.24 12.02 -12.97
C GLU B 25 3.38 11.42 -13.78
N THR B 26 4.34 10.78 -13.09
CA THR B 26 5.59 10.34 -13.72
C THR B 26 5.87 8.86 -13.40
N TRP B 27 6.09 8.06 -14.45
CA TRP B 27 6.48 6.66 -14.25
C TRP B 27 7.39 6.21 -15.40
N CYS B 28 7.82 4.95 -15.31
CA CYS B 28 8.57 4.29 -16.38
C CYS B 28 7.73 3.19 -16.98
N ASP B 29 7.45 3.28 -18.29
CA ASP B 29 6.82 2.17 -18.97
C ASP B 29 7.91 1.31 -19.60
N ALA B 30 7.52 0.32 -20.40
CA ALA B 30 8.49 -0.65 -20.93
C ALA B 30 9.49 -0.02 -21.89
N TRP B 31 9.17 1.16 -22.42
CA TRP B 31 10.05 1.88 -23.33
C TRP B 31 10.95 2.87 -22.63
N CYS B 32 11.09 2.78 -21.30
CA CYS B 32 11.67 3.91 -20.56
C CYS B 32 13.08 4.24 -21.03
N THR B 33 13.87 3.21 -21.36
CA THR B 33 15.28 3.44 -21.71
C THR B 33 15.51 3.93 -23.12
N SER B 34 14.47 3.97 -23.96
CA SER B 34 14.60 4.52 -25.31
C SER B 34 13.74 5.77 -25.53
N ARG B 35 12.56 5.84 -24.92
CA ARG B 35 11.67 6.98 -25.11
C ARG B 35 11.61 7.89 -23.89
N GLY B 36 12.23 7.52 -22.79
CA GLY B 36 12.20 8.31 -21.57
C GLY B 36 10.99 7.98 -20.72
N LYS B 37 10.93 8.65 -19.57
CA LYS B 37 9.83 8.44 -18.65
C LYS B 37 8.54 8.95 -19.25
N ARG B 38 7.43 8.43 -18.74
CA ARG B 38 6.12 8.90 -19.14
C ARG B 38 5.70 9.98 -18.16
N VAL B 39 5.13 11.05 -18.71
CA VAL B 39 4.72 12.22 -17.94
C VAL B 39 3.32 12.61 -18.40
N ASN B 40 2.40 12.70 -17.47
CA ASN B 40 1.07 13.25 -17.70
C ASN B 40 0.96 14.55 -16.92
N LEU B 41 0.47 15.60 -17.57
CA LEU B 41 0.23 16.88 -16.91
C LEU B 41 -1.24 17.23 -17.05
N GLY B 42 -1.85 17.73 -15.97
CA GLY B 42 -3.23 18.13 -16.13
C GLY B 42 -3.77 18.85 -14.92
N CYS B 43 -5.06 19.16 -15.01
CA CYS B 43 -5.87 19.75 -13.95
C CYS B 43 -6.61 18.67 -13.19
N ALA B 44 -6.94 18.97 -11.94
CA ALA B 44 -7.75 18.06 -11.17
C ALA B 44 -8.45 18.82 -10.07
N ALA B 45 -9.60 18.30 -9.64
CA ALA B 45 -10.29 18.79 -8.47
C ALA B 45 -9.61 18.29 -7.20
N THR B 46 -9.16 17.05 -7.23
CA THR B 46 -8.40 16.43 -6.17
C THR B 46 -7.19 15.77 -6.80
N CYS B 47 -6.08 15.78 -6.09
CA CYS B 47 -4.87 15.12 -6.53
C CYS B 47 -5.19 13.68 -6.89
N PRO B 48 -4.91 13.24 -8.13
CA PRO B 48 -5.27 11.88 -8.54
C PRO B 48 -4.67 10.81 -7.65
N ILE B 49 -5.46 9.76 -7.41
CA ILE B 49 -4.97 8.59 -6.71
C ILE B 49 -3.75 8.04 -7.45
N VAL B 50 -2.71 7.73 -6.70
CA VAL B 50 -1.43 7.33 -7.27
C VAL B 50 -1.38 5.80 -7.38
N LYS B 51 -1.00 5.30 -8.54
CA LYS B 51 -0.93 3.87 -8.79
C LYS B 51 0.38 3.34 -8.23
N PRO B 52 0.46 2.06 -7.90
CA PRO B 52 1.75 1.51 -7.50
C PRO B 52 2.77 1.76 -8.59
N GLY B 53 3.93 2.26 -8.21
CA GLY B 53 4.99 2.45 -9.19
C GLY B 53 4.98 3.78 -9.90
N VAL B 54 4.02 4.66 -9.61
CA VAL B 54 3.88 5.96 -10.25
C VAL B 54 4.13 7.03 -9.20
N GLU B 55 4.65 8.18 -9.63
CA GLU B 55 4.79 9.32 -8.74
C GLU B 55 3.81 10.40 -9.17
N ILE B 56 3.12 11.01 -8.20
CA ILE B 56 2.21 12.13 -8.45
C ILE B 56 2.69 13.32 -7.61
N LYS B 57 2.84 14.46 -8.26
CA LYS B 57 3.19 15.73 -7.63
C LYS B 57 2.02 16.67 -7.90
N CYS B 58 1.53 17.34 -6.85
CA CYS B 58 0.36 18.21 -6.96
C CYS B 58 0.68 19.57 -6.38
N CYS B 59 0.12 20.62 -6.98
CA CYS B 59 0.35 21.98 -6.50
C CYS B 59 -0.82 22.83 -6.98
N SER B 60 -0.98 24.01 -6.38
CA SER B 60 -2.19 24.77 -6.61
C SER B 60 -1.89 26.22 -6.99
N THR B 61 -0.79 26.46 -7.71
CA THR B 61 -0.53 27.77 -8.29
C THR B 61 -0.48 27.63 -9.80
N ASP B 62 -0.69 28.75 -10.49
CA ASP B 62 -0.84 28.72 -11.94
C ASP B 62 0.41 28.18 -12.60
N ASN B 63 0.21 27.20 -13.49
CA ASN B 63 1.27 26.63 -14.32
C ASN B 63 2.39 26.03 -13.48
N CYS B 64 2.04 25.46 -12.33
CA CYS B 64 3.07 24.91 -11.45
C CYS B 64 3.47 23.49 -11.82
N ASN B 65 2.97 22.95 -12.92
CA ASN B 65 3.31 21.58 -13.34
C ASN B 65 3.95 21.61 -14.74
N PRO B 66 5.06 22.32 -14.91
CA PRO B 66 5.70 22.34 -16.24
C PRO B 66 6.29 20.98 -16.59
N PHE B 67 6.50 20.77 -17.88
CA PHE B 67 7.08 19.52 -18.33
C PHE B 67 8.50 19.38 -17.79
N PRO B 68 8.87 18.21 -17.24
CA PRO B 68 10.21 18.08 -16.65
C PRO B 68 11.29 18.27 -17.70
N THR B 69 12.33 19.01 -17.32
CA THR B 69 13.21 19.66 -18.29
C THR B 69 14.27 18.72 -18.86
N ARG B 70 14.79 17.78 -18.06
CA ARG B 70 16.05 17.14 -18.37
C ARG B 70 17.09 18.24 -18.59
N THR C 2 26.22 -0.57 -1.19
CA THR C 2 25.47 -1.25 -2.24
C THR C 2 25.03 -0.23 -3.30
N LYS C 3 25.00 -0.66 -4.55
CA LYS C 3 24.60 0.16 -5.69
C LYS C 3 23.56 -0.59 -6.50
N CYS C 4 22.46 0.08 -6.84
CA CYS C 4 21.37 -0.47 -7.65
C CYS C 4 20.93 0.55 -8.69
N TYR C 5 20.29 0.06 -9.75
CA TYR C 5 19.60 0.95 -10.67
C TYR C 5 18.34 1.51 -10.01
N VAL C 6 18.04 2.76 -10.32
CA VAL C 6 16.91 3.49 -9.74
C VAL C 6 16.10 4.16 -10.84
N THR C 7 14.78 3.93 -10.85
CA THR C 7 13.84 4.63 -11.71
C THR C 7 13.49 5.98 -11.10
N PRO C 8 13.03 6.98 -11.91
CA PRO C 8 12.70 6.86 -13.33
C PRO C 8 13.85 7.25 -14.28
N ASP C 9 15.01 7.60 -13.73
CA ASP C 9 16.14 7.98 -14.59
C ASP C 9 16.98 6.80 -15.04
N VAL C 10 16.82 5.63 -14.41
CA VAL C 10 17.58 4.41 -14.75
C VAL C 10 19.07 4.72 -14.66
N LYS C 11 19.51 5.15 -13.49
CA LYS C 11 20.90 5.43 -13.21
C LYS C 11 21.29 4.66 -11.96
N SER C 12 22.57 4.28 -11.89
CA SER C 12 23.07 3.56 -10.73
C SER C 12 23.24 4.54 -9.58
N GLU C 13 22.73 4.17 -8.41
CA GLU C 13 22.78 5.03 -7.23
C GLU C 13 23.24 4.23 -6.02
N THR C 14 24.02 4.87 -5.16
CA THR C 14 24.32 4.28 -3.86
C THR C 14 23.06 4.16 -3.01
N CYS C 15 22.84 2.98 -2.47
CA CYS C 15 21.65 2.74 -1.67
C CYS C 15 21.79 3.38 -0.29
N PRO C 16 20.68 3.79 0.33
CA PRO C 16 20.73 4.22 1.73
C PRO C 16 21.20 3.08 2.62
N ALA C 17 21.70 3.43 3.80
CA ALA C 17 22.25 2.42 4.70
C ALA C 17 21.25 1.30 4.97
N GLY C 18 21.78 0.09 5.13
CA GLY C 18 20.97 -1.09 5.36
C GLY C 18 20.02 -1.48 4.25
N GLN C 19 20.15 -0.90 3.06
CA GLN C 19 19.31 -1.30 1.93
C GLN C 19 20.24 -1.98 0.94
N ASP C 20 20.40 -3.29 1.09
CA ASP C 20 21.40 -4.02 0.33
C ASP C 20 20.80 -4.92 -0.75
N ILE C 21 19.49 -4.81 -0.99
CA ILE C 21 18.81 -5.61 -1.99
C ILE C 21 18.47 -4.71 -3.16
N CYS C 22 18.83 -5.14 -4.37
CA CYS C 22 18.31 -4.51 -5.56
C CYS C 22 17.06 -5.25 -6.02
N TYR C 23 16.05 -4.52 -6.47
CA TYR C 23 14.81 -5.16 -6.94
C TYR C 23 14.37 -4.55 -8.25
N THR C 24 13.65 -5.37 -9.02
CA THR C 24 12.93 -4.96 -10.22
C THR C 24 11.47 -5.31 -9.98
N GLU C 25 10.60 -4.32 -10.07
CA GLU C 25 9.18 -4.54 -9.81
C GLU C 25 8.39 -4.12 -11.05
N THR C 26 7.60 -5.03 -11.57
CA THR C 26 6.85 -4.82 -12.81
C THR C 26 5.39 -5.01 -12.48
N TRP C 27 4.58 -3.99 -12.75
CA TRP C 27 3.13 -4.07 -12.60
C TRP C 27 2.50 -4.21 -13.98
N CYS C 28 1.83 -5.33 -14.19
CA CYS C 28 0.95 -5.52 -15.34
C CYS C 28 -0.44 -5.76 -14.76
N ASP C 29 -0.98 -4.72 -14.14
CA ASP C 29 -2.27 -4.75 -13.47
C ASP C 29 -3.38 -4.34 -14.43
N ALA C 30 -4.54 -3.94 -13.89
CA ALA C 30 -5.72 -3.67 -14.72
C ALA C 30 -5.49 -2.58 -15.76
N TRP C 31 -4.41 -1.80 -15.66
CA TRP C 31 -4.11 -0.79 -16.66
C TRP C 31 -3.09 -1.27 -17.69
N CYS C 32 -2.72 -2.54 -17.64
CA CYS C 32 -1.65 -3.03 -18.50
C CYS C 32 -2.07 -3.11 -19.96
N THR C 33 -3.31 -3.51 -20.24
CA THR C 33 -3.63 -3.67 -21.64
C THR C 33 -3.81 -2.33 -22.34
N SER C 34 -3.99 -1.25 -21.58
CA SER C 34 -4.31 0.07 -22.11
C SER C 34 -3.17 1.08 -21.99
N ARG C 35 -2.46 1.09 -20.85
CA ARG C 35 -1.39 2.05 -20.64
C ARG C 35 -0.01 1.40 -20.60
N GLY C 36 0.06 0.07 -20.60
CA GLY C 36 1.33 -0.64 -20.65
C GLY C 36 1.80 -1.04 -19.27
N LYS C 37 2.94 -1.74 -19.27
CA LYS C 37 3.56 -2.13 -18.01
C LYS C 37 4.18 -0.92 -17.32
N ARG C 38 4.28 -1.01 -15.99
CA ARG C 38 4.97 -0.06 -15.13
C ARG C 38 6.14 -0.75 -14.45
N VAL C 39 7.27 -0.06 -14.32
CA VAL C 39 8.50 -0.66 -13.81
C VAL C 39 9.11 0.27 -12.76
N ASN C 40 9.40 -0.29 -11.57
CA ASN C 40 10.23 0.33 -10.53
C ASN C 40 11.53 -0.43 -10.35
N LEU C 41 12.64 0.30 -10.26
CA LEU C 41 13.94 -0.22 -9.89
C LEU C 41 14.39 0.52 -8.65
N GLY C 42 14.96 -0.19 -7.69
CA GLY C 42 15.42 0.53 -6.51
C GLY C 42 16.20 -0.35 -5.57
N CYS C 43 16.52 0.24 -4.42
CA CYS C 43 17.13 -0.41 -3.27
C CYS C 43 16.05 -0.72 -2.24
N ALA C 44 16.33 -1.71 -1.41
CA ALA C 44 15.43 -2.00 -0.30
C ALA C 44 16.18 -2.81 0.73
N ALA C 45 15.72 -2.72 1.97
CA ALA C 45 16.26 -3.55 3.01
C ALA C 45 15.77 -4.99 2.88
N THR C 46 14.52 -5.16 2.45
CA THR C 46 13.91 -6.45 2.22
C THR C 46 13.26 -6.47 0.83
N CYS C 47 13.22 -7.65 0.22
CA CYS C 47 12.54 -7.82 -1.06
C CYS C 47 11.09 -7.34 -0.94
N PRO C 48 10.64 -6.43 -1.80
CA PRO C 48 9.26 -5.93 -1.67
C PRO C 48 8.24 -7.06 -1.73
N ILE C 49 7.25 -6.98 -0.85
CA ILE C 49 6.20 -8.00 -0.81
C ILE C 49 5.33 -7.90 -2.05
N VAL C 50 5.14 -9.02 -2.72
CA VAL C 50 4.47 -9.01 -4.01
C VAL C 50 2.95 -9.06 -3.80
N LYS C 51 2.24 -8.25 -4.58
CA LYS C 51 0.79 -8.19 -4.64
C LYS C 51 0.29 -8.90 -5.89
N PRO C 52 -0.98 -9.33 -5.94
CA PRO C 52 -1.49 -9.88 -7.19
C PRO C 52 -1.35 -8.88 -8.34
N GLY C 53 -0.83 -9.37 -9.47
CA GLY C 53 -0.60 -8.55 -10.64
C GLY C 53 0.76 -7.91 -10.79
N VAL C 54 1.66 -8.05 -9.81
CA VAL C 54 2.99 -7.47 -9.90
C VAL C 54 4.03 -8.60 -9.91
N GLU C 55 5.11 -8.41 -10.65
CA GLU C 55 6.24 -9.32 -10.68
C GLU C 55 7.45 -8.67 -10.00
N ILE C 56 8.14 -9.41 -9.13
CA ILE C 56 9.28 -8.86 -8.41
C ILE C 56 10.51 -9.75 -8.60
N LYS C 57 11.64 -9.14 -8.93
CA LYS C 57 12.93 -9.81 -8.97
C LYS C 57 13.86 -9.09 -8.02
N CYS C 58 14.51 -9.83 -7.13
CA CYS C 58 15.39 -9.29 -6.12
C CYS C 58 16.73 -10.00 -6.24
N CYS C 59 17.82 -9.26 -6.02
CA CYS C 59 19.16 -9.80 -6.08
C CYS C 59 20.03 -8.91 -5.22
N SER C 60 21.22 -9.40 -4.85
CA SER C 60 21.95 -8.67 -3.83
C SER C 60 23.34 -8.30 -4.29
N THR C 61 23.55 -8.13 -5.59
CA THR C 61 24.83 -7.65 -6.08
C THR C 61 24.65 -6.30 -6.76
N ASP C 62 25.76 -5.58 -6.86
CA ASP C 62 25.73 -4.22 -7.38
C ASP C 62 25.17 -4.19 -8.80
N ASN C 63 24.19 -3.30 -9.02
CA ASN C 63 23.66 -3.04 -10.36
C ASN C 63 23.11 -4.31 -11.00
N CYS C 64 22.57 -5.21 -10.18
CA CYS C 64 22.03 -6.45 -10.70
C CYS C 64 20.59 -6.27 -11.18
N ASN C 65 20.05 -5.05 -11.18
CA ASN C 65 18.66 -4.83 -11.57
C ASN C 65 18.52 -3.87 -12.76
N PRO C 66 19.11 -4.20 -13.91
CA PRO C 66 18.97 -3.29 -15.05
C PRO C 66 17.53 -3.21 -15.54
N PHE C 67 17.22 -2.14 -16.26
CA PHE C 67 15.87 -2.00 -16.78
C PHE C 67 15.58 -3.18 -17.71
N PRO C 68 14.48 -3.90 -17.50
CA PRO C 68 14.22 -5.12 -18.28
C PRO C 68 14.05 -4.82 -19.76
N THR C 69 14.49 -5.76 -20.59
CA THR C 69 14.31 -5.66 -22.04
C THR C 69 12.87 -5.96 -22.40
N ARG C 70 12.28 -5.08 -23.19
CA ARG C 70 10.87 -5.12 -23.54
C ARG C 70 10.42 -6.47 -24.11
N THR D 2 31.50 19.74 -7.78
CA THR D 2 32.36 18.66 -8.19
C THR D 2 31.83 17.98 -9.46
N LYS D 3 32.70 17.89 -10.47
CA LYS D 3 32.40 17.15 -11.69
C LYS D 3 33.33 15.95 -11.80
N CYS D 4 32.78 14.82 -12.22
CA CYS D 4 33.54 13.60 -12.51
C CYS D 4 32.97 12.95 -13.76
N TYR D 5 33.80 12.15 -14.43
CA TYR D 5 33.27 11.30 -15.49
C TYR D 5 32.46 10.18 -14.86
N VAL D 6 31.36 9.82 -15.51
CA VAL D 6 30.42 8.85 -15.01
C VAL D 6 30.15 7.86 -16.14
N THR D 7 30.33 6.54 -15.86
CA THR D 7 30.00 5.46 -16.77
C THR D 7 28.51 5.13 -16.66
N PRO D 8 27.88 4.60 -17.75
CA PRO D 8 28.51 4.13 -18.99
C PRO D 8 28.68 5.16 -20.12
N ASP D 9 27.93 6.25 -20.11
CA ASP D 9 28.04 7.22 -21.20
C ASP D 9 29.42 7.88 -21.28
N VAL D 10 30.22 7.77 -20.22
CA VAL D 10 31.58 8.32 -20.16
C VAL D 10 31.49 9.80 -20.54
N LYS D 11 30.89 10.58 -19.65
CA LYS D 11 30.75 12.01 -19.85
C LYS D 11 30.88 12.68 -18.49
N SER D 12 31.33 13.93 -18.51
CA SER D 12 31.48 14.69 -17.27
C SER D 12 30.10 15.10 -16.76
N GLU D 13 29.87 14.88 -15.47
CA GLU D 13 28.60 15.22 -14.84
C GLU D 13 28.86 15.91 -13.51
N THR D 14 27.99 16.86 -13.17
CA THR D 14 27.96 17.42 -11.83
C THR D 14 27.57 16.34 -10.83
N CYS D 15 28.38 16.18 -9.78
CA CYS D 15 28.12 15.14 -8.79
C CYS D 15 26.98 15.54 -7.86
N PRO D 16 26.21 14.58 -7.36
CA PRO D 16 25.21 14.89 -6.33
C PRO D 16 25.86 15.45 -5.07
N ALA D 17 25.05 16.16 -4.28
CA ALA D 17 25.55 16.84 -3.09
C ALA D 17 26.28 15.88 -2.15
N GLY D 18 27.40 16.37 -1.60
CA GLY D 18 28.28 15.62 -0.72
C GLY D 18 29.08 14.49 -1.34
N GLN D 19 29.08 14.35 -2.66
CA GLN D 19 29.89 13.34 -3.36
C GLN D 19 30.98 14.08 -4.12
N ASP D 20 32.13 14.31 -3.47
CA ASP D 20 33.18 15.14 -4.01
C ASP D 20 34.40 14.33 -4.45
N ILE D 21 34.31 13.01 -4.47
CA ILE D 21 35.40 12.14 -4.87
C ILE D 21 35.05 11.57 -6.23
N CYS D 22 35.96 11.69 -7.19
CA CYS D 22 35.88 10.96 -8.44
C CYS D 22 36.67 9.67 -8.30
N TYR D 23 36.16 8.58 -8.91
CA TYR D 23 36.86 7.30 -8.83
C TYR D 23 36.88 6.60 -10.18
N THR D 24 37.91 5.77 -10.34
CA THR D 24 38.04 4.80 -11.41
C THR D 24 38.23 3.43 -10.77
N GLU D 25 37.33 2.49 -11.07
CA GLU D 25 37.45 1.12 -10.57
C GLU D 25 37.58 0.18 -11.77
N THR D 26 38.68 -0.58 -11.78
CA THR D 26 39.11 -1.36 -12.93
C THR D 26 39.38 -2.79 -12.46
N TRP D 27 38.84 -3.79 -13.17
CA TRP D 27 39.16 -5.18 -12.89
C TRP D 27 38.94 -5.99 -14.15
N CYS D 28 39.32 -7.28 -14.09
CA CYS D 28 39.12 -8.24 -15.17
C CYS D 28 38.10 -9.28 -14.76
N ASP D 29 36.93 -9.30 -15.40
CA ASP D 29 36.02 -10.40 -15.14
C ASP D 29 36.35 -11.51 -16.14
N ALA D 30 35.50 -12.53 -16.24
CA ALA D 30 35.84 -13.68 -17.07
C ALA D 30 35.92 -13.35 -18.56
N TRP D 31 35.43 -12.17 -18.99
CA TRP D 31 35.43 -11.77 -20.39
C TRP D 31 36.61 -10.87 -20.75
N CYS D 32 37.61 -10.73 -19.86
CA CYS D 32 38.60 -9.67 -19.99
C CYS D 32 39.28 -9.64 -21.36
N THR D 33 39.56 -10.81 -21.96
CA THR D 33 40.28 -10.82 -23.23
C THR D 33 39.39 -10.66 -24.46
N SER D 34 38.07 -10.82 -24.33
CA SER D 34 37.19 -10.61 -25.47
C SER D 34 36.48 -9.26 -25.45
N ARG D 35 35.99 -8.82 -24.28
CA ARG D 35 35.29 -7.54 -24.15
C ARG D 35 36.13 -6.46 -23.47
N GLY D 36 37.33 -6.79 -23.02
CA GLY D 36 38.17 -5.83 -22.34
C GLY D 36 37.91 -5.78 -20.85
N LYS D 37 38.70 -4.95 -20.18
CA LYS D 37 38.57 -4.81 -18.74
C LYS D 37 37.26 -4.12 -18.38
N ARG D 38 36.86 -4.30 -17.14
CA ARG D 38 35.68 -3.63 -16.60
C ARG D 38 36.14 -2.33 -15.99
N VAL D 39 35.39 -1.26 -16.24
CA VAL D 39 35.72 0.08 -15.79
C VAL D 39 34.44 0.71 -15.27
N ASN D 40 34.45 1.15 -14.03
CA ASN D 40 33.39 2.01 -13.52
C ASN D 40 34.01 3.36 -13.18
N LEU D 41 33.37 4.44 -13.63
CA LEU D 41 33.74 5.81 -13.32
C LEU D 41 32.56 6.49 -12.66
N GLY D 42 32.81 7.24 -11.59
CA GLY D 42 31.68 7.92 -11.00
C GLY D 42 32.09 8.88 -9.90
N CYS D 43 31.08 9.45 -9.27
CA CYS D 43 31.21 10.29 -8.09
C CYS D 43 30.97 9.47 -6.84
N ALA D 44 31.54 9.92 -5.73
CA ALA D 44 31.27 9.25 -4.46
C ALA D 44 31.56 10.18 -3.30
N ALA D 45 30.87 9.91 -2.18
CA ALA D 45 31.17 10.61 -0.92
C ALA D 45 32.45 10.07 -0.29
N THR D 46 32.65 8.77 -0.35
CA THR D 46 33.89 8.16 0.09
C THR D 46 34.38 7.23 -1.00
N CYS D 47 35.69 7.09 -1.09
CA CYS D 47 36.27 6.17 -2.05
C CYS D 47 35.66 4.78 -1.88
N PRO D 48 35.07 4.20 -2.93
CA PRO D 48 34.41 2.90 -2.81
C PRO D 48 35.31 1.80 -2.26
N ILE D 49 34.67 0.83 -1.61
CA ILE D 49 35.37 -0.30 -1.04
C ILE D 49 35.90 -1.18 -2.17
N VAL D 50 37.15 -1.59 -2.05
CA VAL D 50 37.81 -2.34 -3.11
C VAL D 50 37.77 -3.82 -2.74
N LYS D 51 37.24 -4.64 -3.66
CA LYS D 51 37.18 -6.08 -3.48
C LYS D 51 38.50 -6.68 -3.97
N PRO D 52 38.88 -7.85 -3.48
CA PRO D 52 40.10 -8.49 -4.01
C PRO D 52 39.98 -8.63 -5.52
N GLY D 53 41.05 -8.30 -6.22
CA GLY D 53 41.11 -8.37 -7.65
C GLY D 53 40.71 -7.11 -8.37
N VAL D 54 40.27 -6.09 -7.64
CA VAL D 54 39.79 -4.84 -8.21
C VAL D 54 40.80 -3.77 -7.85
N GLU D 55 40.99 -2.82 -8.75
CA GLU D 55 41.76 -1.62 -8.43
C GLU D 55 40.82 -0.42 -8.44
N ILE D 56 40.92 0.43 -7.42
CA ILE D 56 40.14 1.66 -7.31
C ILE D 56 41.13 2.80 -7.19
N LYS D 57 40.96 3.83 -8.02
CA LYS D 57 41.75 5.05 -7.91
C LYS D 57 40.81 6.20 -7.63
N CYS D 58 41.16 7.00 -6.64
CA CYS D 58 40.28 8.06 -6.19
C CYS D 58 41.03 9.38 -6.18
N CYS D 59 40.33 10.45 -6.55
CA CYS D 59 40.90 11.79 -6.58
C CYS D 59 39.78 12.80 -6.40
N SER D 60 40.15 14.04 -6.03
CA SER D 60 39.10 14.97 -5.62
C SER D 60 39.17 16.28 -6.40
N THR D 61 39.61 16.23 -7.64
CA THR D 61 39.54 17.39 -8.53
C THR D 61 38.59 17.07 -9.67
N ASP D 62 38.10 18.12 -10.33
CA ASP D 62 37.11 17.98 -11.39
C ASP D 62 37.63 17.15 -12.55
N ASN D 63 36.85 16.15 -12.95
CA ASN D 63 37.12 15.30 -14.12
C ASN D 63 38.47 14.59 -14.02
N CYS D 64 38.88 14.23 -12.80
CA CYS D 64 40.16 13.59 -12.63
C CYS D 64 40.12 12.08 -12.88
N ASN D 65 38.99 11.52 -13.34
CA ASN D 65 38.87 10.08 -13.56
C ASN D 65 38.51 9.76 -15.01
N PRO D 66 39.35 10.15 -15.98
CA PRO D 66 39.02 9.87 -17.38
C PRO D 66 39.08 8.38 -17.69
N PHE D 67 38.40 8.01 -18.76
CA PHE D 67 38.40 6.63 -19.17
C PHE D 67 39.83 6.19 -19.48
N PRO D 68 40.31 5.09 -18.90
CA PRO D 68 41.71 4.69 -19.10
C PRO D 68 42.00 4.29 -20.54
N THR D 69 43.29 4.18 -20.83
CA THR D 69 43.73 3.63 -22.12
C THR D 69 45.10 2.98 -21.95
N THR E 2 16.02 35.22 -20.40
CA THR E 2 15.59 35.73 -19.09
C THR E 2 15.89 34.71 -17.99
N LYS E 3 16.48 35.18 -16.89
CA LYS E 3 16.79 34.34 -15.74
C LYS E 3 16.07 34.84 -14.49
N CYS E 4 15.47 33.92 -13.74
CA CYS E 4 14.80 34.23 -12.49
C CYS E 4 15.23 33.27 -11.41
N TYR E 5 15.10 33.71 -10.16
CA TYR E 5 15.22 32.78 -9.05
C TYR E 5 13.98 31.93 -8.99
N VAL E 6 14.16 30.65 -8.64
CA VAL E 6 13.09 29.65 -8.65
C VAL E 6 13.12 28.85 -7.36
N THR E 7 11.98 28.79 -6.66
CA THR E 7 11.80 27.94 -5.49
C THR E 7 11.44 26.52 -5.93
N PRO E 8 11.70 25.50 -5.10
CA PRO E 8 12.19 25.63 -3.71
C PRO E 8 13.70 25.57 -3.52
N ASP E 9 14.49 25.49 -4.60
CA ASP E 9 15.94 25.47 -4.44
C ASP E 9 16.57 26.86 -4.41
N VAL E 10 15.86 27.88 -4.86
CA VAL E 10 16.37 29.25 -4.89
C VAL E 10 17.71 29.23 -5.62
N LYS E 11 17.63 29.24 -6.94
CA LYS E 11 18.80 29.30 -7.80
C LYS E 11 18.35 29.97 -9.09
N SER E 12 19.27 30.65 -9.75
CA SER E 12 18.92 31.35 -10.98
C SER E 12 18.73 30.34 -12.11
N GLU E 13 17.65 30.48 -12.87
CA GLU E 13 17.36 29.56 -13.95
C GLU E 13 16.92 30.31 -15.20
N THR E 14 17.36 29.82 -16.36
CA THR E 14 16.82 30.33 -17.61
C THR E 14 15.34 29.98 -17.71
N CYS E 15 14.52 31.00 -17.97
CA CYS E 15 13.08 30.85 -18.04
C CYS E 15 12.64 30.17 -19.33
N PRO E 16 11.53 29.44 -19.30
CA PRO E 16 10.98 28.89 -20.54
C PRO E 16 10.60 29.97 -21.53
N ALA E 17 10.55 29.57 -22.80
CA ALA E 17 10.25 30.49 -23.88
C ALA E 17 8.92 31.21 -23.64
N GLY E 18 8.95 32.54 -23.69
CA GLY E 18 7.78 33.36 -23.49
C GLY E 18 7.38 33.62 -22.05
N GLN E 19 8.22 33.26 -21.09
CA GLN E 19 7.99 33.57 -19.68
C GLN E 19 9.07 34.55 -19.30
N ASP E 20 8.79 35.84 -19.42
CA ASP E 20 9.81 36.86 -19.27
C ASP E 20 9.64 37.67 -18.00
N ILE E 21 8.72 37.26 -17.13
CA ILE E 21 8.47 37.94 -15.87
C ILE E 21 8.96 37.05 -14.75
N CYS E 22 9.80 37.60 -13.88
CA CYS E 22 10.14 36.96 -12.61
C CYS E 22 9.15 37.48 -11.57
N TYR E 23 8.73 36.62 -10.66
CA TYR E 23 7.75 37.03 -9.67
C TYR E 23 8.19 36.56 -8.28
N THR E 24 7.70 37.27 -7.28
CA THR E 24 7.81 36.86 -5.89
C THR E 24 6.42 36.82 -5.33
N GLU E 25 6.01 35.67 -4.84
CA GLU E 25 4.68 35.52 -4.30
C GLU E 25 4.81 35.05 -2.86
N THR E 26 4.24 35.81 -1.92
CA THR E 26 4.37 35.54 -0.50
C THR E 26 3.00 35.36 0.13
N TRP E 27 2.81 34.25 0.82
CA TRP E 27 1.61 33.96 1.59
C TRP E 27 1.94 34.07 3.08
N CYS E 28 1.15 34.87 3.78
CA CYS E 28 1.08 34.92 5.24
C CYS E 28 -0.39 34.80 5.60
N ASP E 29 -0.96 33.64 5.30
CA ASP E 29 -2.37 33.33 5.47
C ASP E 29 -2.65 32.71 6.84
N ALA E 30 -3.82 32.11 7.01
CA ALA E 30 -4.25 31.63 8.32
C ALA E 30 -3.30 30.60 8.91
N TRP E 31 -2.31 30.13 8.15
CA TRP E 31 -1.27 29.25 8.63
C TRP E 31 0.06 29.93 8.85
N CYS E 32 0.08 31.25 8.83
CA CYS E 32 1.29 32.02 9.05
C CYS E 32 1.74 31.96 10.50
N THR E 33 0.82 31.90 11.45
CA THR E 33 1.20 31.95 12.84
C THR E 33 1.79 30.63 13.33
N SER E 34 1.43 29.52 12.71
CA SER E 34 1.92 28.21 13.11
C SER E 34 3.10 27.72 12.29
N ARG E 35 3.14 28.08 11.00
CA ARG E 35 4.10 27.48 10.09
C ARG E 35 5.02 28.51 9.42
N GLY E 36 4.75 29.81 9.56
CA GLY E 36 5.58 30.83 8.95
C GLY E 36 5.08 31.21 7.58
N LYS E 37 5.76 32.16 6.96
CA LYS E 37 5.40 32.59 5.61
C LYS E 37 5.73 31.50 4.58
N ARG E 38 5.04 31.55 3.43
CA ARG E 38 5.33 30.70 2.28
C ARG E 38 5.74 31.59 1.11
N VAL E 39 6.74 31.19 0.36
CA VAL E 39 7.27 32.01 -0.72
C VAL E 39 7.42 31.17 -1.96
N ASN E 40 6.86 31.65 -3.08
CA ASN E 40 7.14 31.10 -4.40
C ASN E 40 7.92 32.13 -5.21
N LEU E 41 8.97 31.67 -5.88
CA LEU E 41 9.70 32.47 -6.85
C LEU E 41 9.74 31.75 -8.18
N GLY E 42 9.55 32.46 -9.27
CA GLY E 42 9.65 31.78 -10.54
C GLY E 42 9.55 32.70 -11.73
N CYS E 43 9.53 32.07 -12.89
CA CYS E 43 9.29 32.69 -14.17
C CYS E 43 7.81 32.55 -14.49
N ALA E 44 7.29 33.49 -15.27
CA ALA E 44 5.92 33.38 -15.73
C ALA E 44 5.74 34.28 -16.93
N ALA E 45 4.76 33.93 -17.78
CA ALA E 45 4.43 34.76 -18.93
C ALA E 45 3.68 36.02 -18.53
N THR E 46 2.80 35.91 -17.54
CA THR E 46 2.11 37.05 -16.98
C THR E 46 2.23 37.03 -15.47
N CYS E 47 2.28 38.22 -14.89
CA CYS E 47 2.29 38.36 -13.44
C CYS E 47 1.09 37.64 -12.84
N PRO E 48 1.29 36.74 -11.89
CA PRO E 48 0.16 36.02 -11.28
C PRO E 48 -0.85 36.99 -10.65
N ILE E 49 -2.07 36.50 -10.47
CA ILE E 49 -3.22 37.41 -10.33
C ILE E 49 -3.33 37.99 -8.93
N VAL E 50 -3.03 37.20 -7.89
CA VAL E 50 -3.15 37.57 -6.48
C VAL E 50 -4.59 37.43 -5.99
N LYS E 51 -4.74 36.72 -4.88
CA LYS E 51 -5.92 36.53 -4.06
C LYS E 51 -5.71 37.25 -2.73
N PRO E 52 -6.78 37.50 -1.98
CA PRO E 52 -6.59 38.07 -0.64
C PRO E 52 -5.63 37.22 0.17
N GLY E 53 -4.74 37.89 0.90
CA GLY E 53 -3.77 37.22 1.74
C GLY E 53 -2.41 36.97 1.13
N VAL E 54 -2.20 37.36 -0.12
CA VAL E 54 -0.90 37.15 -0.76
C VAL E 54 -0.34 38.50 -1.23
N GLU E 55 0.97 38.64 -1.15
CA GLU E 55 1.66 39.79 -1.72
C GLU E 55 2.48 39.32 -2.90
N ILE E 56 2.40 40.06 -4.01
CA ILE E 56 3.07 39.69 -5.25
C ILE E 56 3.99 40.81 -5.71
N LYS E 57 5.20 40.45 -6.09
CA LYS E 57 6.17 41.35 -6.70
C LYS E 57 6.55 40.78 -8.05
N CYS E 58 6.48 41.60 -9.10
CA CYS E 58 6.76 41.18 -10.47
C CYS E 58 7.73 42.14 -11.10
N CYS E 59 8.66 41.61 -11.90
CA CYS E 59 9.63 42.44 -12.59
C CYS E 59 10.11 41.67 -13.80
N SER E 60 10.76 42.38 -14.73
CA SER E 60 11.10 41.73 -15.99
C SER E 60 12.58 41.89 -16.32
N THR E 61 13.44 41.95 -15.31
CA THR E 61 14.87 41.94 -15.55
C THR E 61 15.46 40.66 -14.96
N ASP E 62 16.64 40.28 -15.44
CA ASP E 62 17.22 39.01 -15.05
C ASP E 62 17.46 38.96 -13.54
N ASN E 63 16.94 37.90 -12.90
CA ASN E 63 17.18 37.63 -11.49
C ASN E 63 16.73 38.76 -10.61
N CYS E 64 15.66 39.44 -11.01
CA CYS E 64 15.15 40.56 -10.26
C CYS E 64 14.23 40.14 -9.12
N ASN E 65 14.11 38.83 -8.85
CA ASN E 65 13.23 38.32 -7.80
C ASN E 65 14.02 37.57 -6.73
N PRO E 66 14.95 38.23 -6.05
CA PRO E 66 15.72 37.53 -5.03
C PRO E 66 14.81 37.12 -3.87
N PHE E 67 15.25 36.12 -3.13
CA PHE E 67 14.40 35.64 -2.05
C PHE E 67 14.24 36.74 -1.00
N PRO E 68 13.01 37.04 -0.59
CA PRO E 68 12.78 38.21 0.27
C PRO E 68 13.50 38.08 1.62
N THR E 69 13.84 39.24 2.19
CA THR E 69 14.60 39.30 3.44
C THR E 69 13.72 39.06 4.66
N ARG E 70 13.87 39.90 5.69
CA ARG E 70 13.04 39.82 6.90
C ARG E 70 13.26 41.05 7.78
N THR F 2 8.46 -15.92 20.90
CA THR F 2 7.21 -16.67 20.96
C THR F 2 6.09 -15.79 20.44
N LYS F 3 5.22 -16.39 19.62
CA LYS F 3 4.11 -15.69 18.99
C LYS F 3 2.82 -16.38 19.37
N CYS F 4 1.84 -15.59 19.80
CA CYS F 4 0.50 -16.06 20.12
C CYS F 4 -0.53 -15.10 19.57
N TYR F 5 -1.73 -15.61 19.32
CA TYR F 5 -2.87 -14.74 19.03
C TYR F 5 -3.26 -13.92 20.26
N VAL F 6 -3.72 -12.70 20.02
CA VAL F 6 -4.06 -11.77 21.10
C VAL F 6 -5.39 -11.11 20.78
N THR F 7 -6.30 -11.14 21.73
CA THR F 7 -7.58 -10.45 21.62
C THR F 7 -7.38 -8.98 21.95
N PRO F 8 -8.33 -8.10 21.56
CA PRO F 8 -9.61 -8.28 20.88
C PRO F 8 -9.50 -8.31 19.34
N ASP F 9 -8.34 -7.96 18.78
CA ASP F 9 -8.20 -7.92 17.33
C ASP F 9 -7.87 -9.27 16.71
N VAL F 10 -7.59 -10.29 17.53
CA VAL F 10 -7.17 -11.62 17.11
C VAL F 10 -6.08 -11.50 16.04
N LYS F 11 -4.90 -11.04 16.44
CA LYS F 11 -3.74 -10.99 15.58
C LYS F 11 -2.55 -11.59 16.31
N SER F 12 -1.64 -12.18 15.54
CA SER F 12 -0.45 -12.82 16.12
C SER F 12 0.52 -11.77 16.64
N GLU F 13 1.01 -11.96 17.87
CA GLU F 13 1.91 -10.99 18.45
C GLU F 13 3.14 -11.67 19.07
N THR F 14 4.29 -11.02 18.91
CA THR F 14 5.47 -11.46 19.64
C THR F 14 5.24 -11.29 21.14
N CYS F 15 5.43 -12.35 21.89
CA CYS F 15 5.16 -12.28 23.31
C CYS F 15 6.24 -11.43 24.00
N PRO F 16 5.92 -10.87 25.16
CA PRO F 16 6.97 -10.27 25.99
C PRO F 16 7.98 -11.31 26.43
N ALA F 17 9.11 -10.82 26.91
CA ALA F 17 10.18 -11.70 27.41
C ALA F 17 9.66 -12.52 28.59
N GLY F 18 10.00 -13.81 28.59
CA GLY F 18 9.60 -14.70 29.67
C GLY F 18 8.21 -15.29 29.57
N GLN F 19 7.36 -14.80 28.67
CA GLN F 19 6.01 -15.36 28.49
C GLN F 19 6.02 -16.23 27.25
N ASP F 20 6.13 -17.54 27.44
CA ASP F 20 6.23 -18.48 26.33
C ASP F 20 5.04 -19.43 26.23
N ILE F 21 3.90 -19.06 26.81
CA ILE F 21 2.70 -19.90 26.84
C ILE F 21 1.55 -19.14 26.17
N CYS F 22 1.00 -19.69 25.10
CA CYS F 22 -0.22 -19.16 24.48
C CYS F 22 -1.44 -19.75 25.18
N TYR F 23 -2.45 -18.92 25.41
CA TYR F 23 -3.64 -19.43 26.07
C TYR F 23 -4.89 -18.94 25.37
N THR F 24 -5.95 -19.72 25.53
CA THR F 24 -7.31 -19.36 25.20
C THR F 24 -8.14 -19.51 26.47
N GLU F 25 -8.87 -18.45 26.83
CA GLU F 25 -9.70 -18.44 28.03
C GLU F 25 -11.12 -18.06 27.67
N THR F 26 -12.10 -18.81 28.20
CA THR F 26 -13.51 -18.57 27.87
C THR F 26 -14.35 -18.46 29.13
N TRP F 27 -15.10 -17.36 29.27
CA TRP F 27 -16.10 -17.15 30.30
C TRP F 27 -17.48 -17.16 29.67
N CYS F 28 -18.47 -17.46 30.49
CA CYS F 28 -19.86 -17.43 30.02
C CYS F 28 -20.74 -16.70 31.01
N ASP F 29 -21.59 -15.83 30.47
CA ASP F 29 -22.73 -15.33 31.23
C ASP F 29 -23.56 -16.51 31.75
N ALA F 30 -24.42 -16.21 32.72
CA ALA F 30 -25.49 -17.15 33.07
C ALA F 30 -26.27 -17.60 31.84
N TRP F 31 -26.48 -16.69 30.89
CA TRP F 31 -27.07 -16.98 29.58
C TRP F 31 -25.91 -17.25 28.63
N CYS F 32 -25.55 -18.52 28.48
CA CYS F 32 -24.27 -18.94 27.92
C CYS F 32 -24.32 -19.19 26.40
N THR F 33 -25.00 -18.30 25.68
CA THR F 33 -25.07 -18.38 24.23
C THR F 33 -23.74 -17.96 23.60
N SER F 34 -23.71 -17.93 22.26
CA SER F 34 -22.54 -17.41 21.55
C SER F 34 -22.30 -15.95 21.85
N ARG F 35 -23.37 -15.15 21.87
CA ARG F 35 -23.25 -13.76 22.27
C ARG F 35 -23.02 -13.58 23.77
N GLY F 36 -23.04 -14.66 24.55
CA GLY F 36 -22.92 -14.55 26.00
C GLY F 36 -21.56 -15.00 26.46
N LYS F 37 -20.77 -15.53 25.54
CA LYS F 37 -19.43 -15.98 25.85
C LYS F 37 -18.43 -14.83 25.75
N ARG F 38 -17.35 -14.93 26.50
CA ARG F 38 -16.24 -13.99 26.39
C ARG F 38 -14.93 -14.77 26.29
N VAL F 39 -14.11 -14.43 25.30
CA VAL F 39 -12.91 -15.16 24.93
C VAL F 39 -11.72 -14.21 25.00
N ASN F 40 -10.66 -14.64 25.70
CA ASN F 40 -9.40 -13.91 25.75
C ASN F 40 -8.31 -14.78 25.19
N LEU F 41 -7.52 -14.24 24.26
CA LEU F 41 -6.30 -14.88 23.79
C LEU F 41 -5.10 -14.03 24.18
N GLY F 42 -4.03 -14.66 24.60
CA GLY F 42 -2.82 -13.91 24.93
C GLY F 42 -1.65 -14.82 25.22
N CYS F 43 -0.56 -14.18 25.64
CA CYS F 43 0.68 -14.74 26.14
C CYS F 43 0.65 -14.75 27.66
N ALA F 44 1.38 -15.70 28.25
CA ALA F 44 1.66 -15.63 29.68
C ALA F 44 2.88 -16.49 29.99
N ALA F 45 3.50 -16.21 31.12
CA ALA F 45 4.64 -17.02 31.54
C ALA F 45 4.17 -18.37 32.07
N THR F 46 3.01 -18.40 32.73
CA THR F 46 2.42 -19.62 33.23
C THR F 46 0.97 -19.68 32.77
N CYS F 47 0.46 -20.89 32.64
CA CYS F 47 -0.93 -21.08 32.26
C CYS F 47 -1.83 -20.40 33.29
N PRO F 48 -2.79 -19.58 32.86
CA PRO F 48 -3.71 -18.94 33.80
C PRO F 48 -4.48 -19.99 34.59
N ILE F 49 -4.45 -19.83 35.92
CA ILE F 49 -5.28 -20.63 36.83
C ILE F 49 -6.68 -20.02 36.86
N VAL F 50 -7.67 -20.80 36.45
CA VAL F 50 -9.00 -20.29 36.26
C VAL F 50 -9.90 -20.73 37.41
N LYS F 51 -11.07 -20.12 37.50
CA LYS F 51 -12.09 -20.46 38.48
C LYS F 51 -13.06 -21.47 37.88
N PRO F 52 -13.86 -22.13 38.73
CA PRO F 52 -14.96 -22.94 38.23
C PRO F 52 -15.92 -22.13 37.36
N GLY F 53 -16.20 -22.64 36.16
CA GLY F 53 -17.02 -21.96 35.18
C GLY F 53 -16.25 -21.41 33.99
N VAL F 54 -14.92 -21.36 34.09
CA VAL F 54 -14.04 -20.81 33.05
C VAL F 54 -13.31 -21.95 32.37
N GLU F 55 -13.24 -21.91 31.04
CA GLU F 55 -12.45 -22.87 30.28
C GLU F 55 -11.10 -22.26 29.93
N ILE F 56 -10.02 -23.04 30.09
CA ILE F 56 -8.68 -22.59 29.77
C ILE F 56 -8.01 -23.65 28.91
N LYS F 57 -7.32 -23.19 27.87
CA LYS F 57 -6.52 -24.04 26.99
C LYS F 57 -5.16 -23.39 26.84
N CYS F 58 -4.11 -24.14 27.15
CA CYS F 58 -2.74 -23.62 27.17
C CYS F 58 -1.84 -24.48 26.30
N CYS F 59 -0.95 -23.84 25.55
CA CYS F 59 -0.06 -24.56 24.66
C CYS F 59 1.18 -23.71 24.45
N SER F 60 2.27 -24.38 24.05
CA SER F 60 3.59 -23.76 24.08
C SER F 60 4.24 -23.63 22.71
N THR F 61 3.47 -23.70 21.63
CA THR F 61 4.04 -23.45 20.31
C THR F 61 3.50 -22.14 19.74
N ASP F 62 4.18 -21.65 18.72
CA ASP F 62 3.82 -20.38 18.08
C ASP F 62 2.40 -20.44 17.52
N ASN F 63 1.60 -19.44 17.88
CA ASN F 63 0.27 -19.25 17.30
C ASN F 63 -0.62 -20.48 17.48
N CYS F 64 -0.46 -21.16 18.61
CA CYS F 64 -1.22 -22.36 18.87
C CYS F 64 -2.59 -22.09 19.45
N ASN F 65 -2.97 -20.82 19.63
CA ASN F 65 -4.21 -20.46 20.30
C ASN F 65 -5.13 -19.67 19.38
N PRO F 66 -5.52 -20.24 18.24
CA PRO F 66 -6.38 -19.49 17.31
C PRO F 66 -7.76 -19.31 17.92
N PHE F 67 -8.56 -18.45 17.31
CA PHE F 67 -9.84 -18.15 17.92
C PHE F 67 -10.77 -19.35 17.81
N PRO F 68 -11.36 -19.81 18.93
CA PRO F 68 -12.21 -21.01 18.91
C PRO F 68 -13.36 -20.93 17.92
N THR F 69 -13.75 -22.09 17.42
CA THR F 69 -14.84 -22.21 16.46
C THR F 69 -16.17 -22.36 17.20
N THR G 2 -5.66 -13.20 42.42
CA THR G 2 -5.70 -12.33 41.25
C THR G 2 -4.45 -11.46 41.19
N LYS G 3 -3.94 -11.24 39.98
CA LYS G 3 -2.63 -10.63 39.77
C LYS G 3 -2.75 -9.46 38.79
N CYS G 4 -2.16 -8.32 39.15
CA CYS G 4 -2.06 -7.17 38.26
C CYS G 4 -0.64 -6.66 38.27
N TYR G 5 -0.29 -5.92 37.23
CA TYR G 5 0.93 -5.14 37.25
C TYR G 5 0.71 -3.93 38.17
N VAL G 6 1.75 -3.55 38.92
CA VAL G 6 1.62 -2.46 39.87
C VAL G 6 2.80 -1.51 39.71
N THR G 7 2.51 -0.20 39.56
CA THR G 7 3.54 0.82 39.54
C THR G 7 3.92 1.23 40.96
N PRO G 8 5.14 1.74 41.16
CA PRO G 8 6.12 2.15 40.14
C PRO G 8 7.07 1.05 39.67
N ASP G 9 7.29 0.01 40.47
CA ASP G 9 8.26 -1.01 40.11
C ASP G 9 7.85 -1.81 38.88
N VAL G 10 6.57 -1.79 38.51
CA VAL G 10 6.03 -2.46 37.33
C VAL G 10 6.38 -3.94 37.44
N LYS G 11 5.72 -4.62 38.36
CA LYS G 11 5.84 -6.05 38.48
C LYS G 11 4.45 -6.59 38.79
N SER G 12 4.18 -7.80 38.34
CA SER G 12 2.94 -8.46 38.68
C SER G 12 2.92 -8.75 40.18
N GLU G 13 1.79 -8.45 40.82
CA GLU G 13 1.64 -8.69 42.25
C GLU G 13 0.30 -9.37 42.48
N THR G 14 0.27 -10.28 43.44
CA THR G 14 -1.02 -10.78 43.87
C THR G 14 -1.77 -9.62 44.53
N CYS G 15 -2.98 -9.40 44.07
CA CYS G 15 -3.79 -8.31 44.56
C CYS G 15 -4.35 -8.65 45.94
N PRO G 16 -4.66 -7.64 46.75
CA PRO G 16 -5.36 -7.89 48.03
C PRO G 16 -6.67 -8.62 47.77
N ALA G 17 -7.18 -9.24 48.84
CA ALA G 17 -8.27 -10.20 48.74
C ALA G 17 -9.45 -9.67 47.93
N GLY G 18 -9.93 -8.47 48.22
CA GLY G 18 -11.09 -7.99 47.52
C GLY G 18 -10.85 -7.12 46.30
N GLN G 19 -9.62 -7.06 45.79
CA GLN G 19 -9.27 -6.21 44.65
C GLN G 19 -9.00 -7.06 43.42
N ASP G 20 -10.03 -7.29 42.61
CA ASP G 20 -9.93 -8.20 41.48
C ASP G 20 -9.93 -7.50 40.12
N ILE G 21 -9.83 -6.18 40.10
CA ILE G 21 -9.76 -5.41 38.86
C ILE G 21 -8.36 -4.85 38.72
N CYS G 22 -7.74 -5.06 37.57
CA CYS G 22 -6.49 -4.38 37.23
C CYS G 22 -6.82 -3.09 36.48
N TYR G 23 -6.02 -2.05 36.72
CA TYR G 23 -6.33 -0.81 36.03
C TYR G 23 -5.06 -0.20 35.46
N THR G 24 -5.24 0.54 34.37
CA THR G 24 -4.24 1.40 33.75
C THR G 24 -4.76 2.83 33.73
N GLU G 25 -3.99 3.75 34.28
CA GLU G 25 -4.37 5.16 34.37
C GLU G 25 -3.35 5.96 33.58
N THR G 26 -3.81 6.63 32.54
CA THR G 26 -2.93 7.26 31.57
C THR G 26 -3.28 8.73 31.42
N TRP G 27 -2.29 9.61 31.53
CA TRP G 27 -2.53 11.03 31.24
C TRP G 27 -1.21 11.68 30.86
N CYS G 28 -1.26 12.95 30.45
CA CYS G 28 -0.07 13.74 30.15
C CYS G 28 0.10 14.84 31.19
N ASP G 29 1.27 14.88 31.86
CA ASP G 29 1.56 16.02 32.72
C ASP G 29 2.42 17.00 31.92
N ALA G 30 2.97 18.02 32.58
CA ALA G 30 3.66 19.08 31.83
C ALA G 30 4.92 18.60 31.12
N TRP G 31 5.39 17.39 31.42
CA TRP G 31 6.62 16.83 30.85
C TRP G 31 6.34 15.77 29.78
N CYS G 32 5.15 15.73 29.19
CA CYS G 32 4.75 14.55 28.43
C CYS G 32 5.69 14.29 27.27
N THR G 33 6.16 15.35 26.60
CA THR G 33 7.00 15.19 25.43
C THR G 33 8.46 14.91 25.73
N SER G 34 8.87 14.96 27.00
CA SER G 34 10.23 14.57 27.38
C SER G 34 10.27 13.28 28.19
N ARG G 35 9.51 13.16 29.27
CA ARG G 35 9.50 11.93 30.05
C ARG G 35 8.37 10.98 29.65
N GLY G 36 7.71 11.20 28.52
CA GLY G 36 6.60 10.37 28.11
C GLY G 36 5.36 10.58 28.97
N LYS G 37 4.28 9.90 28.58
CA LYS G 37 3.02 10.01 29.29
C LYS G 37 3.12 9.38 30.68
N ARG G 38 2.19 9.77 31.55
CA ARG G 38 2.18 9.20 32.89
C ARG G 38 1.25 8.00 32.91
N VAL G 39 1.69 6.95 33.58
CA VAL G 39 0.97 5.68 33.67
C VAL G 39 1.00 5.21 35.12
N ASN G 40 -0.18 4.93 35.67
CA ASN G 40 -0.32 4.26 36.96
C ASN G 40 -0.92 2.87 36.68
N LEU G 41 -0.35 1.83 37.29
CA LEU G 41 -0.89 0.46 37.21
C LEU G 41 -1.17 -0.07 38.61
N GLY G 42 -2.29 -0.77 38.77
CA GLY G 42 -2.52 -1.36 40.08
C GLY G 42 -3.75 -2.24 40.16
N CYS G 43 -4.00 -2.72 41.37
CA CYS G 43 -5.20 -3.47 41.72
C CYS G 43 -6.22 -2.53 42.31
N ALA G 44 -7.49 -2.89 42.16
CA ALA G 44 -8.54 -2.11 42.79
C ALA G 44 -9.77 -2.98 42.94
N ALA G 45 -10.58 -2.66 43.93
CA ALA G 45 -11.86 -3.35 44.08
C ALA G 45 -12.85 -2.83 43.06
N THR G 46 -12.82 -1.54 42.80
CA THR G 46 -13.66 -0.94 41.78
C THR G 46 -12.78 -0.09 40.87
N CYS G 47 -13.19 0.01 39.61
CA CYS G 47 -12.46 0.81 38.66
C CYS G 47 -12.30 2.21 39.27
N PRO G 48 -11.08 2.72 39.40
CA PRO G 48 -10.88 4.01 40.06
C PRO G 48 -11.67 5.11 39.37
N ILE G 49 -12.06 6.11 40.15
CA ILE G 49 -12.78 7.25 39.61
C ILE G 49 -11.83 8.10 38.79
N VAL G 50 -12.25 8.46 37.61
CA VAL G 50 -11.40 9.17 36.68
C VAL G 50 -11.41 10.68 37.00
N LYS G 51 -10.24 11.31 36.92
CA LYS G 51 -10.14 12.76 37.00
C LYS G 51 -10.28 13.32 35.58
N PRO G 52 -10.73 14.58 35.45
CA PRO G 52 -10.81 15.16 34.11
C PRO G 52 -9.46 15.14 33.42
N GLY G 53 -9.45 14.71 32.16
CA GLY G 53 -8.23 14.69 31.38
C GLY G 53 -7.43 13.41 31.51
N VAL G 54 -7.89 12.47 32.33
CA VAL G 54 -7.19 11.22 32.58
C VAL G 54 -8.01 10.10 31.96
N GLU G 55 -7.33 9.08 31.43
CA GLU G 55 -8.03 7.90 30.96
C GLU G 55 -7.73 6.73 31.89
N ILE G 56 -8.78 6.00 32.24
CA ILE G 56 -8.66 4.83 33.09
C ILE G 56 -9.19 3.65 32.29
N LYS G 57 -8.41 2.58 32.25
CA LYS G 57 -8.75 1.34 31.59
C LYS G 57 -8.73 0.23 32.64
N CYS G 58 -9.81 -0.55 32.69
CA CYS G 58 -9.97 -1.57 33.72
C CYS G 58 -10.27 -2.91 33.06
N CYS G 59 -9.71 -3.97 33.64
CA CYS G 59 -9.89 -5.33 33.15
C CYS G 59 -9.76 -6.26 34.35
N SER G 60 -10.23 -7.51 34.19
CA SER G 60 -10.36 -8.44 35.33
C SER G 60 -9.71 -9.78 35.08
N THR G 61 -8.64 -9.82 34.29
CA THR G 61 -7.85 -11.02 34.10
C THR G 61 -6.41 -10.77 34.54
N ASP G 62 -5.73 -11.87 34.84
CA ASP G 62 -4.40 -11.80 35.43
C ASP G 62 -3.44 -11.06 34.53
N ASN G 63 -2.75 -10.08 35.11
CA ASN G 63 -1.69 -9.37 34.42
C ASN G 63 -2.21 -8.72 33.14
N CYS G 64 -3.48 -8.29 33.16
CA CYS G 64 -4.13 -7.69 32.00
C CYS G 64 -3.82 -6.22 31.83
N ASN G 65 -2.96 -5.64 32.66
CA ASN G 65 -2.67 -4.21 32.63
C ASN G 65 -1.17 -3.95 32.43
N PRO G 66 -0.59 -4.40 31.32
CA PRO G 66 0.86 -4.25 31.14
C PRO G 66 1.25 -2.79 30.93
N PHE G 67 2.52 -2.49 31.18
CA PHE G 67 2.98 -1.14 30.92
C PHE G 67 2.94 -0.86 29.42
N PRO G 68 2.33 0.25 29.00
CA PRO G 68 2.17 0.50 27.56
C PRO G 68 3.52 0.71 26.89
N THR G 69 3.61 0.27 25.64
CA THR G 69 4.85 0.41 24.89
C THR G 69 5.01 1.82 24.32
N THR H 2 2.08 -0.93 5.17
CA THR H 2 2.81 0.08 4.40
C THR H 2 3.82 0.78 5.30
N LYS H 3 5.02 0.98 4.78
CA LYS H 3 6.07 1.74 5.45
C LYS H 3 6.33 3.03 4.69
N CYS H 4 6.20 4.17 5.39
CA CYS H 4 6.59 5.48 4.88
C CYS H 4 7.54 6.15 5.87
N TYR H 5 8.35 7.07 5.36
CA TYR H 5 9.14 7.91 6.22
C TYR H 5 8.25 8.96 6.87
N VAL H 6 8.54 9.27 8.14
CA VAL H 6 7.74 10.17 8.96
C VAL H 6 8.65 11.17 9.66
N THR H 7 8.35 12.45 9.49
CA THR H 7 8.99 13.56 10.18
C THR H 7 8.33 13.77 11.54
N PRO H 8 9.03 14.41 12.50
CA PRO H 8 10.32 15.12 12.43
C PRO H 8 11.58 14.33 12.79
N ASP H 9 11.48 13.03 13.01
CA ASP H 9 12.65 12.23 13.34
C ASP H 9 13.23 11.51 12.14
N VAL H 10 12.53 11.53 11.01
CA VAL H 10 12.94 10.96 9.73
C VAL H 10 13.33 9.50 9.91
N LYS H 11 12.34 8.67 10.24
CA LYS H 11 12.52 7.23 10.32
C LYS H 11 11.39 6.54 9.57
N SER H 12 11.66 5.32 9.13
CA SER H 12 10.65 4.54 8.43
C SER H 12 9.70 3.95 9.45
N GLU H 13 8.40 4.08 9.22
CA GLU H 13 7.40 3.61 10.16
C GLU H 13 6.32 2.84 9.43
N THR H 14 5.82 1.80 10.07
CA THR H 14 4.63 1.14 9.58
C THR H 14 3.45 2.10 9.69
N CYS H 15 2.75 2.28 8.59
CA CYS H 15 1.66 3.25 8.59
C CYS H 15 0.44 2.69 9.30
N PRO H 16 -0.37 3.55 9.91
CA PRO H 16 -1.67 3.11 10.45
C PRO H 16 -2.53 2.52 9.34
N ALA H 17 -3.55 1.76 9.75
CA ALA H 17 -4.41 1.05 8.79
C ALA H 17 -4.97 2.01 7.75
N GLY H 18 -5.56 1.45 6.69
CA GLY H 18 -6.03 2.20 5.54
C GLY H 18 -5.28 3.44 5.07
N GLN H 19 -4.06 3.67 5.57
CA GLN H 19 -3.20 4.79 5.16
C GLN H 19 -2.05 4.18 4.35
N ASP H 20 -2.21 4.12 3.03
CA ASP H 20 -1.31 3.37 2.16
C ASP H 20 -0.50 4.26 1.23
N ILE H 21 -0.59 5.58 1.38
CA ILE H 21 0.12 6.53 0.55
C ILE H 21 1.20 7.20 1.40
N CYS H 22 2.42 7.22 0.87
CA CYS H 22 3.48 8.04 1.43
C CYS H 22 3.46 9.39 0.71
N TYR H 23 3.73 10.47 1.44
CA TYR H 23 3.73 11.80 0.84
C TYR H 23 4.98 12.58 1.27
N THR H 24 5.41 13.47 0.39
CA THR H 24 6.47 14.45 0.65
C THR H 24 5.86 15.83 0.44
N GLU H 25 5.91 16.67 1.46
CA GLU H 25 5.36 18.02 1.43
C GLU H 25 6.51 19.02 1.52
N THR H 26 6.63 19.87 0.50
CA THR H 26 7.76 20.79 0.37
C THR H 26 7.27 22.21 0.08
N TRP H 27 7.75 23.18 0.86
CA TRP H 27 7.53 24.60 0.64
C TRP H 27 8.76 25.36 1.14
N CYS H 28 8.83 26.65 0.79
CA CYS H 28 9.87 27.57 1.25
C CYS H 28 9.30 28.59 2.22
N ASP H 29 9.78 28.60 3.47
CA ASP H 29 9.38 29.64 4.40
C ASP H 29 10.38 30.80 4.30
N ALA H 30 10.29 31.76 5.23
CA ALA H 30 11.08 32.99 5.13
C ALA H 30 12.58 32.77 5.29
N TRP H 31 13.01 31.60 5.76
CA TRP H 31 14.42 31.30 5.93
C TRP H 31 14.93 30.30 4.89
N CYS H 32 14.22 30.18 3.75
CA CYS H 32 14.53 29.11 2.80
C CYS H 32 15.98 29.17 2.33
N THR H 33 16.56 30.36 2.18
CA THR H 33 17.92 30.43 1.66
C THR H 33 18.97 30.02 2.70
N SER H 34 18.67 30.15 4.00
CA SER H 34 19.60 29.72 5.05
C SER H 34 19.32 28.29 5.54
N ARG H 35 18.14 28.04 6.12
CA ARG H 35 17.85 26.71 6.66
C ARG H 35 17.57 25.69 5.57
N GLY H 36 17.23 26.14 4.37
CA GLY H 36 16.78 25.26 3.32
C GLY H 36 15.27 25.11 3.29
N LYS H 37 14.78 24.39 2.29
CA LYS H 37 13.35 24.21 2.16
C LYS H 37 12.79 23.39 3.32
N ARG H 38 11.50 23.55 3.57
CA ARG H 38 10.82 22.81 4.61
C ARG H 38 10.24 21.55 4.01
N VAL H 39 10.33 20.43 4.75
CA VAL H 39 9.91 19.11 4.28
C VAL H 39 9.14 18.40 5.38
N ASN H 40 7.92 17.96 5.07
CA ASN H 40 7.13 17.08 5.91
C ASN H 40 7.01 15.72 5.21
N LEU H 41 7.21 14.65 5.96
CA LEU H 41 7.08 13.29 5.44
C LEU H 41 6.04 12.53 6.25
N GLY H 42 5.21 11.75 5.58
CA GLY H 42 4.27 10.93 6.36
C GLY H 42 3.48 9.95 5.54
N CYS H 43 2.56 9.28 6.23
CA CYS H 43 1.57 8.37 5.69
C CYS H 43 0.24 9.07 5.55
N ALA H 44 -0.58 8.62 4.60
CA ALA H 44 -1.93 9.16 4.52
C ALA H 44 -2.82 8.18 3.79
N ALA H 45 -4.12 8.28 4.08
CA ALA H 45 -5.09 7.49 3.33
C ALA H 45 -5.30 8.07 1.94
N THR H 46 -5.31 9.39 1.84
CA THR H 46 -5.41 10.08 0.57
C THR H 46 -4.30 11.13 0.51
N CYS H 47 -3.82 11.40 -0.69
CA CYS H 47 -2.80 12.42 -0.88
C CYS H 47 -3.31 13.72 -0.24
N PRO H 48 -2.57 14.30 0.70
CA PRO H 48 -3.05 15.49 1.40
C PRO H 48 -3.39 16.64 0.47
N ILE H 49 -4.34 17.46 0.92
CA ILE H 49 -4.69 18.67 0.20
C ILE H 49 -3.57 19.67 0.39
N VAL H 50 -3.17 20.32 -0.69
CA VAL H 50 -2.00 21.18 -0.70
C VAL H 50 -2.44 22.63 -0.67
N LYS H 51 -1.69 23.44 0.05
CA LYS H 51 -1.89 24.87 0.10
C LYS H 51 -1.21 25.58 -1.06
N PRO H 52 -1.71 26.75 -1.44
CA PRO H 52 -0.98 27.55 -2.43
C PRO H 52 0.43 27.74 -1.91
N GLY H 53 1.40 27.55 -2.78
CA GLY H 53 2.80 27.72 -2.44
C GLY H 53 3.48 26.47 -1.94
N VAL H 54 2.74 25.39 -1.77
CA VAL H 54 3.26 24.13 -1.25
C VAL H 54 3.14 23.11 -2.37
N GLU H 55 4.12 22.20 -2.42
CA GLU H 55 4.12 21.05 -3.32
C GLU H 55 3.95 19.76 -2.51
N ILE H 56 3.09 18.85 -2.99
CA ILE H 56 2.88 17.55 -2.36
C ILE H 56 3.18 16.47 -3.40
N LYS H 57 4.00 15.49 -2.99
CA LYS H 57 4.42 14.36 -3.81
C LYS H 57 3.97 13.07 -3.15
N CYS H 58 3.26 12.24 -3.88
CA CYS H 58 2.64 11.07 -3.29
C CYS H 58 3.01 9.84 -4.11
N CYS H 59 3.21 8.74 -3.39
CA CYS H 59 3.54 7.47 -4.00
C CYS H 59 3.01 6.38 -3.09
N SER H 60 2.90 5.16 -3.63
CA SER H 60 2.22 4.12 -2.90
C SER H 60 3.05 2.85 -2.81
N THR H 61 4.38 2.98 -2.73
CA THR H 61 5.26 1.86 -2.42
C THR H 61 6.04 2.16 -1.15
N ASP H 62 6.55 1.10 -0.52
CA ASP H 62 7.23 1.21 0.77
C ASP H 62 8.43 2.15 0.72
N ASN H 63 8.48 3.07 1.67
CA ASN H 63 9.62 3.98 1.86
C ASN H 63 9.93 4.78 0.60
N CYS H 64 8.90 5.12 -0.16
CA CYS H 64 9.09 5.86 -1.41
C CYS H 64 9.18 7.37 -1.20
N ASN H 65 9.17 7.88 0.03
CA ASN H 65 9.24 9.32 0.29
C ASN H 65 10.47 9.68 1.14
N PRO H 66 11.67 9.38 0.64
CA PRO H 66 12.88 9.68 1.43
C PRO H 66 13.07 11.18 1.55
N PHE H 67 13.86 11.57 2.54
CA PHE H 67 14.12 13.00 2.73
C PHE H 67 14.93 13.53 1.54
N PRO H 68 14.48 14.60 0.89
CA PRO H 68 15.18 15.09 -0.30
C PRO H 68 16.56 15.66 0.05
N THR H 69 17.39 15.76 -0.99
CA THR H 69 18.65 16.52 -0.94
C THR H 69 19.25 16.65 -2.34
N THR I 2 -18.96 -47.26 11.06
CA THR I 2 -19.33 -46.62 9.80
C THR I 2 -18.06 -46.11 9.12
N LYS I 3 -18.07 -46.06 7.79
CA LYS I 3 -16.92 -45.63 7.02
C LYS I 3 -17.34 -44.46 6.13
N CYS I 4 -16.52 -43.41 6.12
CA CYS I 4 -16.77 -42.25 5.30
C CYS I 4 -15.47 -41.80 4.65
N TYR I 5 -15.59 -41.12 3.53
CA TYR I 5 -14.43 -40.42 2.99
C TYR I 5 -14.15 -39.21 3.86
N VAL I 6 -12.87 -38.92 4.06
CA VAL I 6 -12.47 -37.82 4.93
C VAL I 6 -11.42 -36.98 4.22
N THR I 7 -11.68 -35.69 4.15
CA THR I 7 -10.70 -34.76 3.64
C THR I 7 -9.74 -34.35 4.76
N PRO I 8 -8.48 -34.03 4.43
CA PRO I 8 -7.92 -33.88 3.08
C PRO I 8 -7.36 -35.17 2.51
N ASP I 9 -7.02 -35.11 1.21
CA ASP I 9 -6.48 -36.22 0.43
C ASP I 9 -7.52 -37.29 0.11
N VAL I 10 -8.64 -37.28 0.83
CA VAL I 10 -9.78 -38.18 0.60
C VAL I 10 -9.36 -39.64 0.64
N LYS I 11 -9.55 -40.29 1.79
CA LYS I 11 -9.49 -41.74 1.86
C LYS I 11 -10.61 -42.22 2.78
N SER I 12 -11.08 -43.44 2.54
CA SER I 12 -12.14 -43.98 3.38
C SER I 12 -11.59 -44.30 4.76
N GLU I 13 -12.31 -43.88 5.80
CA GLU I 13 -11.87 -44.06 7.18
C GLU I 13 -13.01 -44.59 8.03
N THR I 14 -12.67 -45.49 8.97
CA THR I 14 -13.61 -45.84 10.01
C THR I 14 -13.86 -44.62 10.89
N CYS I 15 -15.13 -44.29 11.09
CA CYS I 15 -15.47 -43.12 11.87
C CYS I 15 -15.27 -43.37 13.36
N PRO I 16 -15.01 -42.32 14.12
CA PRO I 16 -15.01 -42.43 15.58
C PRO I 16 -16.39 -42.86 16.05
N ALA I 17 -16.46 -43.35 17.29
CA ALA I 17 -17.72 -43.83 17.84
C ALA I 17 -18.82 -42.78 17.70
N GLY I 18 -20.07 -43.16 17.95
CA GLY I 18 -21.26 -42.34 17.73
C GLY I 18 -21.33 -41.31 16.60
N GLN I 19 -20.40 -41.33 15.65
CA GLN I 19 -20.41 -40.47 14.47
C GLN I 19 -20.71 -41.36 13.27
N ASP I 20 -22.00 -41.51 12.93
CA ASP I 20 -22.44 -42.46 11.91
C ASP I 20 -22.95 -41.78 10.66
N ILE I 21 -22.76 -40.46 10.52
CA ILE I 21 -23.21 -39.71 9.35
C ILE I 21 -21.97 -39.32 8.54
N CYS I 22 -22.01 -39.59 7.25
CA CYS I 22 -21.03 -39.02 6.32
C CYS I 22 -21.61 -37.75 5.73
N TYR I 23 -20.77 -36.74 5.55
CA TYR I 23 -21.24 -35.48 5.02
C TYR I 23 -20.28 -35.01 3.94
N THR I 24 -20.84 -34.23 3.02
CA THR I 24 -20.10 -33.51 2.00
C THR I 24 -20.44 -32.04 2.21
N GLU I 25 -19.42 -31.21 2.40
CA GLU I 25 -19.61 -29.79 2.65
C GLU I 25 -18.98 -29.05 1.48
N THR I 26 -19.79 -28.29 0.74
CA THR I 26 -19.36 -27.66 -0.50
C THR I 26 -19.69 -26.18 -0.51
N TRP I 27 -18.66 -25.34 -0.67
CA TRP I 27 -18.81 -23.91 -0.91
C TRP I 27 -17.76 -23.48 -1.92
N CYS I 28 -17.93 -22.26 -2.43
CA CYS I 28 -17.00 -21.61 -3.34
C CYS I 28 -16.28 -20.51 -2.57
N ASP I 29 -14.98 -20.70 -2.34
CA ASP I 29 -14.20 -19.66 -1.67
C ASP I 29 -13.64 -18.70 -2.73
N ALA I 30 -12.73 -17.81 -2.30
CA ALA I 30 -12.22 -16.77 -3.18
C ALA I 30 -11.45 -17.37 -4.35
N TRP I 31 -10.87 -18.56 -4.16
CA TRP I 31 -10.10 -19.22 -5.19
C TRP I 31 -10.92 -20.20 -6.00
N CYS I 32 -12.25 -20.05 -6.03
CA CYS I 32 -13.06 -21.09 -6.65
C CYS I 32 -12.74 -21.22 -8.14
N THR I 33 -12.46 -20.11 -8.80
CA THR I 33 -12.18 -20.13 -10.23
C THR I 33 -10.75 -20.59 -10.52
N SER I 34 -9.75 -20.01 -9.83
CA SER I 34 -8.35 -20.41 -10.08
C SER I 34 -8.03 -21.83 -9.57
N ARG I 35 -9.07 -22.60 -9.27
CA ARG I 35 -8.97 -24.05 -9.05
C ARG I 35 -10.38 -24.63 -9.08
N GLY I 36 -10.89 -25.04 -7.92
CA GLY I 36 -12.20 -25.64 -7.82
C GLY I 36 -12.87 -25.25 -6.52
N LYS I 37 -14.07 -25.78 -6.32
CA LYS I 37 -14.80 -25.53 -5.09
C LYS I 37 -14.05 -26.12 -3.91
N ARG I 38 -14.39 -25.67 -2.71
CA ARG I 38 -13.82 -26.28 -1.52
C ARG I 38 -14.77 -27.34 -1.03
N VAL I 39 -14.20 -28.49 -0.67
CA VAL I 39 -14.99 -29.67 -0.33
C VAL I 39 -14.42 -30.27 0.95
N ASN I 40 -15.29 -30.44 1.94
CA ASN I 40 -14.95 -31.19 3.15
C ASN I 40 -15.76 -32.47 3.21
N LEU I 41 -15.08 -33.57 3.47
CA LEU I 41 -15.73 -34.84 3.75
C LEU I 41 -15.29 -35.29 5.12
N GLY I 42 -16.21 -35.85 5.88
CA GLY I 42 -15.85 -36.35 7.19
C GLY I 42 -17.00 -37.11 7.79
N CYS I 43 -16.80 -37.51 9.04
CA CYS I 43 -17.79 -38.16 9.90
C CYS I 43 -18.39 -37.14 10.85
N ALA I 44 -19.63 -37.40 11.28
CA ALA I 44 -20.24 -36.59 12.32
C ALA I 44 -21.37 -37.37 12.95
N ALA I 45 -21.67 -37.03 14.21
CA ALA I 45 -22.80 -37.66 14.90
C ALA I 45 -24.12 -37.17 14.35
N THR I 46 -24.20 -35.88 14.01
CA THR I 46 -25.37 -35.29 13.40
C THR I 46 -24.92 -34.50 12.18
N CYS I 47 -25.80 -34.42 11.19
CA CYS I 47 -25.50 -33.63 10.00
C CYS I 47 -25.08 -32.22 10.42
N PRO I 48 -23.91 -31.76 10.00
CA PRO I 48 -23.46 -30.42 10.41
C PRO I 48 -24.46 -29.33 10.07
N ILE I 49 -24.53 -28.32 10.95
CA ILE I 49 -25.36 -27.16 10.69
C ILE I 49 -24.74 -26.37 9.54
N VAL I 50 -25.58 -25.97 8.59
CA VAL I 50 -25.11 -25.32 7.38
C VAL I 50 -25.00 -23.81 7.62
N LYS I 51 -23.87 -23.21 7.16
CA LYS I 51 -23.76 -21.76 7.16
C LYS I 51 -24.28 -21.20 5.85
N PRO I 52 -24.68 -19.93 5.83
CA PRO I 52 -25.11 -19.31 4.57
C PRO I 52 -24.02 -19.39 3.51
N GLY I 53 -24.42 -19.78 2.30
CA GLY I 53 -23.50 -19.89 1.20
C GLY I 53 -22.83 -21.25 1.04
N VAL I 54 -23.11 -22.18 1.95
CA VAL I 54 -22.48 -23.50 1.95
C VAL I 54 -23.56 -24.55 1.66
N GLU I 55 -23.21 -25.60 0.94
CA GLU I 55 -24.10 -26.72 0.71
C GLU I 55 -23.60 -27.93 1.48
N ILE I 56 -24.50 -28.60 2.19
CA ILE I 56 -24.15 -29.79 2.96
C ILE I 56 -25.03 -30.95 2.52
N LYS I 57 -24.41 -32.11 2.29
CA LYS I 57 -25.10 -33.34 1.92
C LYS I 57 -24.78 -34.40 2.98
N CYS I 58 -25.82 -35.06 3.49
CA CYS I 58 -25.63 -36.03 4.55
C CYS I 58 -26.32 -37.34 4.22
N CYS I 59 -25.64 -38.43 4.57
CA CYS I 59 -26.10 -39.79 4.34
C CYS I 59 -25.48 -40.68 5.39
N SER I 60 -26.03 -41.88 5.56
CA SER I 60 -25.67 -42.75 6.67
C SER I 60 -25.28 -44.14 6.19
N THR I 61 -24.73 -44.24 4.99
CA THR I 61 -24.20 -45.49 4.49
C THR I 61 -22.71 -45.35 4.24
N ASP I 62 -22.04 -46.49 4.19
CA ASP I 62 -20.59 -46.52 4.06
C ASP I 62 -20.14 -45.85 2.77
N ASN I 63 -19.20 -44.91 2.90
CA ASN I 63 -18.55 -44.28 1.75
C ASN I 63 -19.56 -43.59 0.84
N CYS I 64 -20.61 -43.03 1.42
CA CYS I 64 -21.64 -42.36 0.64
C CYS I 64 -21.29 -40.90 0.37
N ASN I 65 -20.11 -40.44 0.77
CA ASN I 65 -19.68 -39.05 0.56
C ASN I 65 -18.39 -38.99 -0.25
N PRO I 66 -18.38 -39.52 -1.47
CA PRO I 66 -17.16 -39.48 -2.28
C PRO I 66 -16.80 -38.06 -2.67
N PHE I 67 -15.54 -37.88 -3.01
CA PHE I 67 -15.10 -36.60 -3.55
C PHE I 67 -15.83 -36.37 -4.87
N PRO I 68 -16.38 -35.17 -5.11
CA PRO I 68 -17.23 -34.95 -6.30
C PRO I 68 -16.49 -35.17 -7.61
N THR I 69 -15.97 -34.10 -8.21
CA THR I 69 -15.06 -34.17 -9.37
C THR I 69 -14.67 -32.76 -9.82
N CYS J 4 20.94 -10.76 25.93
CA CYS J 4 21.39 -12.10 25.54
C CYS J 4 20.43 -12.76 24.54
N TYR J 5 20.96 -13.71 23.76
CA TYR J 5 20.11 -14.58 22.96
C TYR J 5 19.37 -15.56 23.87
N VAL J 6 18.13 -15.89 23.50
CA VAL J 6 17.27 -16.74 24.33
C VAL J 6 16.64 -17.82 23.47
N THR J 7 16.77 -19.10 23.91
CA THR J 7 16.10 -20.21 23.22
C THR J 7 14.64 -20.30 23.68
N PRO J 8 13.74 -20.85 22.85
CA PRO J 8 13.98 -21.55 21.59
C PRO J 8 14.01 -20.66 20.35
N ASP J 9 13.34 -19.52 20.39
CA ASP J 9 13.28 -18.64 19.23
C ASP J 9 14.64 -18.09 18.82
N VAL J 10 15.62 -18.11 19.73
CA VAL J 10 16.98 -17.64 19.46
C VAL J 10 16.88 -16.21 18.91
N LYS J 11 16.51 -15.29 19.78
CA LYS J 11 16.48 -13.87 19.45
C LYS J 11 17.04 -13.11 20.63
N SER J 12 17.67 -11.97 20.35
CA SER J 12 18.22 -11.15 21.42
C SER J 12 17.09 -10.60 22.28
N GLU J 13 17.25 -10.71 23.61
CA GLU J 13 16.24 -10.23 24.55
C GLU J 13 16.88 -9.44 25.68
N THR J 14 16.21 -8.37 26.09
CA THR J 14 16.63 -7.68 27.29
C THR J 14 16.45 -8.59 28.50
N CYS J 15 17.52 -8.73 29.30
CA CYS J 15 17.44 -9.64 30.42
C CYS J 15 16.62 -9.05 31.57
N PRO J 16 15.92 -9.91 32.31
CA PRO J 16 15.24 -9.46 33.54
C PRO J 16 16.21 -8.95 34.60
N ALA J 17 15.65 -8.16 35.52
CA ALA J 17 16.30 -7.49 36.65
C ALA J 17 17.82 -7.64 36.73
N GLY J 18 18.29 -8.33 37.77
CA GLY J 18 19.72 -8.51 37.97
C GLY J 18 20.26 -9.76 37.31
N GLN J 19 19.85 -10.01 36.07
CA GLN J 19 20.31 -11.16 35.29
C GLN J 19 21.25 -10.65 34.20
N ASP J 20 22.54 -10.62 34.51
CA ASP J 20 23.54 -10.03 33.64
C ASP J 20 24.47 -11.04 32.99
N ILE J 21 24.17 -12.33 33.10
CA ILE J 21 25.01 -13.38 32.51
C ILE J 21 24.28 -13.97 31.32
N CYS J 22 24.94 -14.03 30.16
CA CYS J 22 24.47 -14.83 29.04
C CYS J 22 25.11 -16.21 29.10
N TYR J 23 24.33 -17.25 28.81
CA TYR J 23 24.87 -18.60 28.89
C TYR J 23 24.48 -19.42 27.66
N THR J 24 25.33 -20.41 27.37
CA THR J 24 25.07 -21.44 26.37
C THR J 24 25.23 -22.81 27.02
N GLU J 25 24.19 -23.63 26.94
CA GLU J 25 24.18 -24.96 27.53
C GLU J 25 24.10 -25.97 26.40
N THR J 26 25.10 -26.84 26.31
CA THR J 26 25.27 -27.78 25.19
C THR J 26 25.40 -29.19 25.71
N TRP J 27 24.59 -30.11 25.17
CA TRP J 27 24.73 -31.53 25.47
C TRP J 27 24.13 -32.31 24.32
N CYS J 28 24.45 -33.61 24.30
CA CYS J 28 23.92 -34.58 23.33
C CYS J 28 22.94 -35.54 24.00
N ASP J 29 21.66 -35.45 23.63
CA ASP J 29 20.72 -36.45 24.09
C ASP J 29 20.70 -37.57 23.04
N ALA J 30 19.76 -38.51 23.14
CA ALA J 30 19.77 -39.68 22.27
C ALA J 30 19.53 -39.34 20.79
N TRP J 31 18.90 -38.20 20.50
CA TRP J 31 18.65 -37.77 19.13
C TRP J 31 19.78 -36.95 18.54
N CYS J 32 20.98 -36.97 19.16
CA CYS J 32 22.01 -36.02 18.78
C CYS J 32 22.42 -36.16 17.32
N THR J 33 22.43 -37.38 16.80
CA THR J 33 22.93 -37.55 15.44
C THR J 33 21.92 -37.12 14.37
N SER J 34 20.62 -37.09 14.68
CA SER J 34 19.61 -36.66 13.71
C SER J 34 19.14 -35.23 13.93
N ARG J 35 18.78 -34.86 15.16
CA ARG J 35 18.32 -33.51 15.47
C ARG J 35 19.42 -32.59 15.98
N GLY J 36 20.65 -33.08 16.09
CA GLY J 36 21.74 -32.23 16.51
C GLY J 36 21.83 -32.11 18.01
N LYS J 37 22.86 -31.40 18.44
CA LYS J 37 23.06 -31.23 19.86
C LYS J 37 21.94 -30.39 20.46
N ARG J 38 21.79 -30.51 21.77
CA ARG J 38 20.79 -29.74 22.47
C ARG J 38 21.46 -28.47 22.93
N VAL J 39 20.76 -27.35 22.77
CA VAL J 39 21.30 -26.03 23.07
C VAL J 39 20.23 -25.22 23.81
N ASN J 40 20.59 -24.72 24.99
CA ASN J 40 19.80 -23.73 25.70
C ASN J 40 20.59 -22.43 25.73
N LEU J 41 19.93 -21.32 25.38
CA LEU J 41 20.49 -19.97 25.47
C LEU J 41 19.57 -19.14 26.36
N GLY J 42 20.15 -18.33 27.24
CA GLY J 42 19.28 -17.48 28.04
C GLY J 42 20.06 -16.50 28.90
N CYS J 43 19.30 -15.79 29.74
CA CYS J 43 19.85 -14.92 30.76
C CYS J 43 19.85 -15.64 32.10
N ALA J 44 20.75 -15.22 32.99
CA ALA J 44 20.78 -15.73 34.34
C ALA J 44 21.52 -14.73 35.22
N ALA J 45 21.22 -14.76 36.52
CA ALA J 45 21.94 -13.92 37.46
C ALA J 45 23.33 -14.47 37.76
N THR J 46 23.45 -15.79 37.78
CA THR J 46 24.73 -16.47 37.94
C THR J 46 24.85 -17.55 36.88
N CYS J 47 26.09 -17.86 36.51
CA CYS J 47 26.34 -18.94 35.56
C CYS J 47 25.67 -20.23 36.05
N PRO J 48 24.81 -20.84 35.25
CA PRO J 48 24.09 -22.04 35.69
C PRO J 48 25.03 -23.16 36.11
N ILE J 49 24.58 -23.94 37.09
CA ILE J 49 25.26 -25.18 37.42
C ILE J 49 25.06 -26.19 36.30
N VAL J 50 26.04 -27.06 36.11
CA VAL J 50 26.08 -28.02 35.01
C VAL J 50 25.77 -29.40 35.55
N LYS J 51 24.97 -30.15 34.81
CA LYS J 51 24.91 -31.58 35.09
C LYS J 51 26.09 -32.27 34.43
N PRO J 52 26.46 -33.45 34.90
CA PRO J 52 27.51 -34.22 34.21
C PRO J 52 27.14 -34.45 32.75
N GLY J 53 28.13 -34.30 31.88
CA GLY J 53 27.90 -34.51 30.47
C GLY J 53 27.43 -33.30 29.73
N VAL J 54 27.22 -32.18 30.41
CA VAL J 54 26.70 -30.97 29.81
C VAL J 54 27.80 -29.92 29.84
N GLU J 55 27.87 -29.10 28.80
CA GLU J 55 28.81 -27.99 28.78
C GLU J 55 28.07 -26.68 28.90
N ILE J 56 28.58 -25.81 29.77
CA ILE J 56 27.99 -24.50 29.98
C ILE J 56 29.08 -23.48 29.68
N LYS J 57 28.75 -22.47 28.87
CA LYS J 57 29.60 -21.33 28.58
C LYS J 57 28.88 -20.08 29.05
N CYS J 58 29.58 -19.21 29.76
CA CYS J 58 29.01 -18.01 30.33
C CYS J 58 29.84 -16.79 29.99
N CYS J 59 29.17 -15.67 29.76
CA CYS J 59 29.80 -14.39 29.45
C CYS J 59 28.85 -13.27 29.87
N SER J 60 29.38 -12.06 29.97
CA SER J 60 28.61 -10.97 30.55
C SER J 60 28.60 -9.74 29.63
N THR J 61 28.67 -9.94 28.33
CA THR J 61 28.51 -8.85 27.37
C THR J 61 27.30 -9.15 26.50
N ASP J 62 26.77 -8.09 25.87
CA ASP J 62 25.54 -8.19 25.12
C ASP J 62 25.67 -9.17 23.96
N ASN J 63 24.73 -10.11 23.90
CA ASN J 63 24.59 -11.05 22.78
C ASN J 63 25.84 -11.89 22.59
N CYS J 64 26.53 -12.21 23.68
CA CYS J 64 27.75 -12.98 23.60
C CYS J 64 27.51 -14.48 23.51
N ASN J 65 26.24 -14.91 23.47
CA ASN J 65 25.89 -16.34 23.42
C ASN J 65 25.07 -16.65 22.17
N PRO J 66 25.61 -16.41 20.98
CA PRO J 66 24.85 -16.70 19.75
C PRO J 66 24.70 -18.19 19.55
N PHE J 67 23.71 -18.57 18.75
CA PHE J 67 23.51 -20.00 18.49
C PHE J 67 24.73 -20.55 17.77
N PRO J 68 25.31 -21.66 18.24
CA PRO J 68 26.54 -22.17 17.62
C PRO J 68 26.32 -22.61 16.19
N THR J 69 27.44 -22.84 15.50
CA THR J 69 27.42 -23.21 14.09
C THR J 69 28.73 -23.88 13.67
N LYS K 3 -21.20 4.42 9.03
CA LYS K 3 -20.59 5.33 8.06
C LYS K 3 -20.55 4.74 6.64
N CYS K 4 -20.91 5.57 5.65
CA CYS K 4 -20.86 5.19 4.24
C CYS K 4 -20.30 6.35 3.43
N TYR K 5 -19.87 6.04 2.21
CA TYR K 5 -19.53 7.09 1.25
C TYR K 5 -20.80 7.65 0.63
N VAL K 6 -20.79 8.96 0.36
CA VAL K 6 -21.97 9.65 -0.15
C VAL K 6 -21.59 10.50 -1.35
N THR K 7 -22.38 10.39 -2.43
CA THR K 7 -22.26 11.24 -3.60
C THR K 7 -23.05 12.52 -3.42
N PRO K 8 -22.67 13.61 -4.11
CA PRO K 8 -21.69 13.69 -5.19
C PRO K 8 -20.25 13.98 -4.76
N ASP K 9 -20.05 14.34 -3.48
CA ASP K 9 -18.74 14.74 -3.00
C ASP K 9 -17.88 13.58 -2.50
N VAL K 10 -18.28 12.34 -2.79
CA VAL K 10 -17.56 11.11 -2.45
C VAL K 10 -16.75 11.26 -1.16
N LYS K 11 -17.44 11.50 -0.06
CA LYS K 11 -16.85 11.53 1.26
C LYS K 11 -17.54 10.48 2.14
N SER K 12 -16.91 10.18 3.27
CA SER K 12 -17.49 9.30 4.26
C SER K 12 -18.30 10.13 5.24
N GLU K 13 -19.54 9.72 5.50
CA GLU K 13 -20.43 10.43 6.40
C GLU K 13 -21.08 9.46 7.38
N THR K 14 -21.40 9.99 8.57
CA THR K 14 -22.19 9.23 9.53
C THR K 14 -23.63 9.15 9.06
N CYS K 15 -24.14 7.93 8.95
CA CYS K 15 -25.48 7.71 8.42
C CYS K 15 -26.52 8.33 9.34
N PRO K 16 -27.66 8.75 8.80
CA PRO K 16 -28.78 9.14 9.65
C PRO K 16 -29.26 7.97 10.51
N ALA K 17 -29.98 8.30 11.58
CA ALA K 17 -30.45 7.28 12.50
C ALA K 17 -31.28 6.25 11.77
N GLY K 18 -31.01 4.96 12.05
CA GLY K 18 -31.81 3.88 11.51
C GLY K 18 -31.26 3.23 10.25
N GLN K 19 -30.72 4.01 9.33
CA GLN K 19 -30.23 3.50 8.06
C GLN K 19 -28.77 3.06 8.22
N ASP K 20 -28.56 1.74 8.25
CA ASP K 20 -27.24 1.16 8.48
C ASP K 20 -26.72 0.41 7.26
N ILE K 21 -27.22 0.73 6.08
CA ILE K 21 -26.86 0.03 4.84
C ILE K 21 -26.18 1.02 3.92
N CYS K 22 -24.95 0.71 3.51
CA CYS K 22 -24.28 1.42 2.43
C CYS K 22 -24.67 0.78 1.11
N TYR K 23 -25.03 1.62 0.12
CA TYR K 23 -25.44 1.11 -1.18
C TYR K 23 -24.61 1.78 -2.27
N THR K 24 -24.45 1.07 -3.38
CA THR K 24 -23.81 1.62 -4.57
C THR K 24 -24.75 1.38 -5.75
N GLU K 25 -25.11 2.46 -6.44
CA GLU K 25 -26.05 2.37 -7.56
C GLU K 25 -25.38 2.94 -8.81
N THR K 26 -25.28 2.11 -9.84
CA THR K 26 -24.65 2.47 -11.10
C THR K 26 -25.66 2.33 -12.24
N TRP K 27 -25.93 3.42 -12.94
CA TRP K 27 -26.78 3.42 -14.12
C TRP K 27 -25.94 3.33 -15.37
N CYS K 28 -26.48 2.62 -16.38
CA CYS K 28 -25.82 2.34 -17.64
C CYS K 28 -24.37 1.93 -17.43
N ASP K 29 -24.12 0.75 -16.91
CA ASP K 29 -22.76 0.28 -16.67
C ASP K 29 -22.26 -0.62 -17.81
N ALA K 30 -23.01 -1.67 -18.13
CA ALA K 30 -22.53 -2.66 -19.09
C ALA K 30 -22.50 -2.14 -20.52
N TRP K 31 -23.13 -0.99 -20.81
CA TRP K 31 -23.15 -0.50 -22.18
C TRP K 31 -22.81 0.99 -22.28
N CYS K 32 -22.30 1.60 -21.22
CA CYS K 32 -21.80 2.97 -21.28
C CYS K 32 -20.31 3.02 -20.97
N THR K 33 -19.69 4.10 -21.43
CA THR K 33 -18.30 4.40 -21.11
C THR K 33 -18.19 4.97 -19.68
N SER K 34 -16.97 5.31 -19.28
CA SER K 34 -16.80 5.96 -18.00
C SER K 34 -17.52 7.31 -17.95
N ARG K 35 -17.61 8.02 -19.08
CA ARG K 35 -18.34 9.28 -19.10
C ARG K 35 -19.85 9.08 -19.05
N GLY K 36 -20.34 7.95 -19.58
CA GLY K 36 -21.76 7.69 -19.57
C GLY K 36 -22.29 7.06 -18.30
N LYS K 37 -21.41 6.54 -17.46
CA LYS K 37 -21.83 5.93 -16.21
C LYS K 37 -22.19 7.01 -15.18
N ARG K 38 -23.14 6.66 -14.32
CA ARG K 38 -23.59 7.53 -13.24
C ARG K 38 -23.68 6.70 -11.97
N VAL K 39 -23.01 7.16 -10.91
CA VAL K 39 -22.87 6.41 -9.67
C VAL K 39 -23.58 7.18 -8.56
N ASN K 40 -24.30 6.45 -7.72
CA ASN K 40 -24.94 6.99 -6.52
C ASN K 40 -24.49 6.17 -5.32
N LEU K 41 -23.81 6.83 -4.39
CA LEU K 41 -23.44 6.24 -3.10
C LEU K 41 -24.19 6.96 -1.97
N GLY K 42 -24.50 6.21 -0.92
CA GLY K 42 -25.10 6.83 0.25
C GLY K 42 -25.49 5.78 1.27
N CYS K 43 -26.33 6.21 2.20
CA CYS K 43 -26.91 5.34 3.21
C CYS K 43 -28.41 5.19 2.95
N ALA K 44 -28.97 4.10 3.48
CA ALA K 44 -30.39 3.82 3.36
C ALA K 44 -30.75 2.67 4.28
N ALA K 45 -32.01 2.62 4.67
CA ALA K 45 -32.61 1.42 5.24
C ALA K 45 -33.30 0.66 4.11
N THR K 46 -33.19 -0.67 4.15
CA THR K 46 -33.57 -1.56 3.06
C THR K 46 -32.76 -1.26 1.80
N CYS K 47 -32.22 -2.30 1.17
CA CYS K 47 -31.45 -2.10 -0.05
C CYS K 47 -32.36 -1.54 -1.14
N PRO K 48 -31.98 -0.45 -1.79
CA PRO K 48 -32.88 0.18 -2.77
C PRO K 48 -33.28 -0.77 -3.87
N ILE K 49 -34.57 -0.77 -4.19
CA ILE K 49 -35.12 -1.60 -5.25
C ILE K 49 -34.54 -1.18 -6.59
N VAL K 50 -34.03 -2.13 -7.34
CA VAL K 50 -33.27 -1.87 -8.55
C VAL K 50 -34.18 -2.01 -9.77
N LYS K 51 -34.01 -1.10 -10.76
CA LYS K 51 -34.73 -1.17 -12.02
C LYS K 51 -33.88 -1.87 -13.07
N PRO K 52 -34.51 -2.52 -14.04
CA PRO K 52 -33.75 -3.24 -15.08
C PRO K 52 -32.79 -2.31 -15.82
N GLY K 53 -31.53 -2.74 -15.92
CA GLY K 53 -30.45 -1.93 -16.47
C GLY K 53 -29.55 -1.31 -15.42
N VAL K 54 -30.04 -1.16 -14.21
CA VAL K 54 -29.30 -0.56 -13.10
C VAL K 54 -28.61 -1.67 -12.32
N GLU K 55 -27.46 -1.35 -11.75
CA GLU K 55 -26.76 -2.24 -10.84
C GLU K 55 -26.84 -1.64 -9.44
N ILE K 56 -27.11 -2.49 -8.45
CA ILE K 56 -27.20 -2.07 -7.06
C ILE K 56 -26.35 -3.01 -6.21
N LYS K 57 -25.52 -2.42 -5.34
CA LYS K 57 -24.66 -3.16 -4.42
C LYS K 57 -24.86 -2.62 -3.02
N CYS K 58 -25.16 -3.50 -2.07
CA CYS K 58 -25.49 -3.12 -0.71
C CYS K 58 -24.62 -3.88 0.30
N CYS K 59 -24.33 -3.24 1.44
CA CYS K 59 -23.62 -3.92 2.52
C CYS K 59 -23.79 -3.13 3.82
N SER K 60 -23.23 -3.67 4.92
CA SER K 60 -23.55 -3.23 6.26
C SER K 60 -22.33 -2.88 7.12
N THR K 61 -21.14 -2.84 6.55
CA THR K 61 -19.95 -2.43 7.29
C THR K 61 -19.58 -1.00 6.91
N ASP K 62 -18.64 -0.44 7.68
CA ASP K 62 -18.29 0.97 7.54
C ASP K 62 -17.51 1.22 6.25
N ASN K 63 -17.91 2.27 5.53
CA ASN K 63 -17.25 2.68 4.29
C ASN K 63 -17.14 1.52 3.30
N CYS K 64 -18.10 0.60 3.36
CA CYS K 64 -18.16 -0.55 2.48
C CYS K 64 -18.52 -0.19 1.05
N ASN K 65 -18.83 1.07 0.76
CA ASN K 65 -19.24 1.49 -0.57
C ASN K 65 -18.30 2.55 -1.13
N PRO K 66 -17.03 2.21 -1.34
CA PRO K 66 -16.14 3.18 -1.98
C PRO K 66 -16.55 3.41 -3.43
N PHE K 67 -16.18 4.57 -3.95
CA PHE K 67 -16.49 4.89 -5.33
C PHE K 67 -15.82 3.88 -6.26
N PRO K 68 -16.54 3.33 -7.24
CA PRO K 68 -16.00 2.21 -8.02
C PRO K 68 -14.77 2.60 -8.83
N THR K 69 -13.96 1.60 -9.14
CA THR K 69 -12.71 1.80 -9.86
C THR K 69 -12.45 0.68 -10.86
N CYS L 4 -26.70 -16.33 -16.42
CA CYS L 4 -25.80 -15.89 -15.36
C CYS L 4 -24.83 -17.00 -14.98
N TYR L 5 -23.79 -16.62 -14.23
CA TYR L 5 -22.87 -17.59 -13.66
C TYR L 5 -23.48 -18.19 -12.39
N VAL L 6 -23.24 -19.48 -12.18
CA VAL L 6 -23.85 -20.22 -11.08
C VAL L 6 -22.75 -20.95 -10.32
N THR L 7 -22.86 -20.95 -8.98
CA THR L 7 -22.14 -21.59 -7.89
C THR L 7 -22.76 -22.96 -7.59
N PRO L 8 -21.98 -24.03 -7.40
CA PRO L 8 -20.51 -24.10 -7.34
C PRO L 8 -19.85 -24.15 -8.71
N ASP L 9 -18.59 -23.73 -8.77
CA ASP L 9 -17.74 -23.56 -9.96
C ASP L 9 -18.41 -22.83 -11.11
N VAL L 10 -17.68 -21.89 -11.71
CA VAL L 10 -18.25 -20.92 -12.65
C VAL L 10 -18.70 -21.63 -13.91
N LYS L 11 -20.01 -21.58 -14.18
CA LYS L 11 -20.56 -22.04 -15.45
C LYS L 11 -21.75 -21.14 -15.79
N SER L 12 -21.69 -20.48 -16.94
CA SER L 12 -22.80 -19.65 -17.37
C SER L 12 -23.97 -20.54 -17.76
N GLU L 13 -25.12 -20.36 -17.12
CA GLU L 13 -26.29 -21.18 -17.36
C GLU L 13 -27.48 -20.31 -17.75
N THR L 14 -28.26 -20.81 -18.70
CA THR L 14 -29.54 -20.20 -18.99
C THR L 14 -30.43 -20.29 -17.76
N CYS L 15 -31.12 -19.24 -17.48
CA CYS L 15 -31.82 -19.26 -16.21
C CYS L 15 -33.22 -19.85 -16.36
N PRO L 16 -33.72 -20.54 -15.32
CA PRO L 16 -35.11 -21.03 -15.34
C PRO L 16 -36.11 -19.92 -15.67
N ALA L 17 -37.32 -20.32 -16.09
CA ALA L 17 -38.34 -19.36 -16.50
C ALA L 17 -38.57 -18.31 -15.41
N GLY L 18 -38.77 -17.07 -15.85
CA GLY L 18 -38.72 -15.96 -14.92
C GLY L 18 -37.27 -15.71 -14.51
N GLN L 19 -37.12 -15.08 -13.34
CA GLN L 19 -35.81 -14.87 -12.72
C GLN L 19 -34.81 -14.25 -13.67
N ASP L 20 -34.87 -12.93 -13.87
CA ASP L 20 -34.03 -12.23 -14.84
C ASP L 20 -32.95 -11.39 -14.17
N ILE L 21 -32.53 -11.79 -12.97
CA ILE L 21 -31.52 -11.06 -12.20
C ILE L 21 -30.35 -11.98 -11.92
N CYS L 22 -29.15 -11.51 -12.23
CA CYS L 22 -27.92 -12.18 -11.80
C CYS L 22 -27.43 -11.53 -10.50
N TYR L 23 -27.00 -12.36 -9.54
CA TYR L 23 -26.65 -11.86 -8.23
C TYR L 23 -25.31 -12.40 -7.76
N THR L 24 -24.64 -11.62 -6.91
CA THR L 24 -23.41 -12.00 -6.25
C THR L 24 -23.58 -11.77 -4.76
N GLU L 25 -23.50 -12.86 -3.98
CA GLU L 25 -23.68 -12.82 -2.54
C GLU L 25 -22.40 -13.27 -1.85
N THR L 26 -21.92 -12.46 -0.91
CA THR L 26 -20.64 -12.68 -0.25
C THR L 26 -20.82 -12.56 1.26
N TRP L 27 -20.34 -13.56 1.99
CA TRP L 27 -20.33 -13.56 3.46
C TRP L 27 -18.88 -13.45 3.91
N CYS L 28 -18.41 -12.24 4.10
CA CYS L 28 -17.00 -12.01 4.36
C CYS L 28 -16.73 -11.80 5.84
N ASP L 29 -15.58 -12.28 6.30
CA ASP L 29 -15.21 -12.21 7.72
C ASP L 29 -14.73 -10.82 8.08
N ALA L 30 -15.33 -10.24 9.12
CA ALA L 30 -14.93 -8.93 9.68
C ALA L 30 -15.14 -7.88 8.59
N TRP L 31 -14.27 -6.87 8.50
CA TRP L 31 -14.41 -5.78 7.54
C TRP L 31 -14.76 -6.31 6.16
N CYS L 32 -13.94 -7.22 5.63
CA CYS L 32 -14.41 -8.22 4.70
C CYS L 32 -13.42 -9.38 4.67
N THR L 33 -12.14 -9.05 4.46
CA THR L 33 -11.02 -10.00 4.48
C THR L 33 -11.16 -11.11 3.45
N SER L 34 -10.02 -11.56 2.91
CA SER L 34 -10.06 -12.72 2.04
C SER L 34 -10.41 -14.00 2.79
N ARG L 35 -10.16 -14.04 4.10
CA ARG L 35 -10.37 -15.25 4.88
C ARG L 35 -11.87 -15.46 5.13
N GLY L 36 -12.27 -16.73 5.17
CA GLY L 36 -13.67 -17.06 5.33
C GLY L 36 -14.57 -16.53 4.23
N LYS L 37 -13.97 -16.17 3.09
CA LYS L 37 -14.58 -15.55 1.92
C LYS L 37 -16.03 -15.97 1.63
N ARG L 38 -16.24 -17.15 1.04
CA ARG L 38 -17.57 -17.67 0.72
C ARG L 38 -18.36 -16.78 -0.26
N VAL L 39 -18.66 -17.31 -1.45
CA VAL L 39 -19.35 -16.55 -2.49
C VAL L 39 -20.44 -17.41 -3.11
N ASN L 40 -21.60 -16.79 -3.37
CA ASN L 40 -22.69 -17.45 -4.06
C ASN L 40 -23.04 -16.66 -5.32
N LEU L 41 -23.04 -17.33 -6.46
CA LEU L 41 -23.48 -16.76 -7.72
C LEU L 41 -24.68 -17.54 -8.21
N GLY L 42 -25.62 -16.82 -8.82
CA GLY L 42 -26.77 -17.47 -9.40
C GLY L 42 -27.74 -16.45 -9.96
N CYS L 43 -28.97 -16.92 -10.20
CA CYS L 43 -30.04 -16.10 -10.70
C CYS L 43 -31.17 -16.05 -9.66
N ALA L 44 -32.10 -15.12 -9.87
CA ALA L 44 -33.25 -14.97 -8.98
C ALA L 44 -34.24 -14.02 -9.63
N ALA L 45 -35.52 -14.23 -9.34
CA ALA L 45 -36.55 -13.31 -9.80
C ALA L 45 -36.36 -11.94 -9.18
N THR L 46 -36.18 -11.89 -7.87
CA THR L 46 -35.92 -10.65 -7.15
C THR L 46 -34.49 -10.66 -6.64
N CYS L 47 -33.89 -9.48 -6.55
CA CYS L 47 -32.59 -9.35 -5.90
C CYS L 47 -32.73 -9.83 -4.46
N PRO L 48 -31.99 -10.88 -4.05
CA PRO L 48 -32.18 -11.44 -2.71
C PRO L 48 -32.08 -10.41 -1.60
N ILE L 49 -32.69 -10.71 -0.45
CA ILE L 49 -32.67 -9.80 0.68
C ILE L 49 -31.57 -10.26 1.63
N VAL L 50 -30.67 -9.33 1.98
CA VAL L 50 -29.44 -9.65 2.70
C VAL L 50 -29.61 -9.35 4.17
N LYS L 51 -29.11 -10.26 5.01
CA LYS L 51 -28.93 -10.01 6.43
C LYS L 51 -27.75 -9.08 6.65
N PRO L 52 -27.64 -8.50 7.85
CA PRO L 52 -26.43 -7.73 8.19
C PRO L 52 -25.19 -8.62 8.18
N GLY L 53 -24.09 -8.07 7.67
CA GLY L 53 -22.86 -8.81 7.46
C GLY L 53 -22.70 -9.38 6.07
N VAL L 54 -23.76 -9.36 5.26
CA VAL L 54 -23.74 -9.92 3.91
C VAL L 54 -23.75 -8.79 2.91
N GLU L 55 -22.94 -8.92 1.87
CA GLU L 55 -22.96 -8.02 0.73
C GLU L 55 -23.66 -8.71 -0.43
N ILE L 56 -24.50 -7.96 -1.15
CA ILE L 56 -25.18 -8.48 -2.32
C ILE L 56 -24.95 -7.51 -3.49
N LYS L 57 -24.86 -8.07 -4.71
CA LYS L 57 -24.64 -7.29 -5.93
C LYS L 57 -25.59 -7.83 -7.00
N CYS L 58 -26.39 -6.94 -7.59
CA CYS L 58 -27.44 -7.36 -8.51
C CYS L 58 -27.37 -6.57 -9.81
N CYS L 59 -27.55 -7.28 -10.92
CA CYS L 59 -27.52 -6.67 -12.24
C CYS L 59 -28.41 -7.49 -13.16
N SER L 60 -28.71 -6.92 -14.34
CA SER L 60 -29.78 -7.41 -15.19
C SER L 60 -29.34 -7.71 -16.61
N THR L 61 -28.05 -7.97 -16.82
CA THR L 61 -27.54 -8.31 -18.15
C THR L 61 -26.96 -9.71 -18.13
N ASP L 62 -26.70 -10.25 -19.32
CA ASP L 62 -26.23 -11.62 -19.43
C ASP L 62 -24.82 -11.75 -18.85
N ASN L 63 -24.65 -12.70 -17.93
CA ASN L 63 -23.36 -13.04 -17.35
C ASN L 63 -22.69 -11.84 -16.69
N CYS L 64 -23.51 -10.96 -16.11
CA CYS L 64 -23.02 -9.74 -15.46
C CYS L 64 -22.53 -9.97 -14.04
N ASN L 65 -22.53 -11.21 -13.55
CA ASN L 65 -22.09 -11.53 -12.19
C ASN L 65 -20.90 -12.47 -12.22
N PRO L 66 -19.75 -12.03 -12.73
CA PRO L 66 -18.58 -12.91 -12.72
C PRO L 66 -18.09 -13.13 -11.31
N PHE L 67 -17.31 -14.19 -11.16
CA PHE L 67 -16.68 -14.44 -9.89
C PHE L 67 -15.66 -13.34 -9.60
N PRO L 68 -15.67 -12.74 -8.40
CA PRO L 68 -14.84 -11.60 -8.00
C PRO L 68 -13.36 -11.79 -8.34
#